data_4PZL
#
_entry.id   4PZL
#
_cell.length_a   65.022
_cell.length_b   65.022
_cell.length_c   214.732
_cell.angle_alpha   90.00
_cell.angle_beta   90.00
_cell.angle_gamma   120.00
#
_symmetry.space_group_name_H-M   'P 32'
#
loop_
_entity.id
_entity.type
_entity.pdbx_description
1 polymer 'Adenylate kinase'
2 non-polymer 'CALCIUM ION'
3 non-polymer 'FORMIC ACID'
4 non-polymer GLYCEROL
5 non-polymer DI(HYDROXYETHYL)ETHER
6 water water
#
_entity_poly.entity_id   1
_entity_poly.type   'polypeptide(L)'
_entity_poly.pdbx_seq_one_letter_code
;(MSE)HHHHHHSSGVDLGTENLYFQSNA(MSE)RIILLGAPGAGKGTQAKIIEQKYNIAHISTGD(MSE)IRETIKSGSA
LGQELKKVLDAGELVSDEFIIKIVKDRISKNDCNNGFLLDGVPRTIPQAQELDKLGVNIDYIVEVDVADNLLIERITGRR
IHPASGRTYHTKFNPPKVADKDDVTGEPLITRTDDNEDTVKQRLSVYHAQTAKLIDFYRNFSSTNTKIPKYIKINGDQAV
EKVSQDIFDQLNKR
;
_entity_poly.pdbx_strand_id   A,B,C,D
#
# COMPACT_ATOMS: atom_id res chain seq x y z
N THR A 15 -8.34 -13.31 8.07
CA THR A 15 -9.06 -12.10 8.49
C THR A 15 -8.09 -11.03 8.96
N GLU A 16 -6.79 -11.35 8.95
CA GLU A 16 -5.77 -10.33 9.15
C GLU A 16 -5.15 -9.94 7.80
N ASN A 17 -5.55 -10.63 6.73
CA ASN A 17 -5.12 -10.22 5.39
C ASN A 17 -5.92 -9.00 4.89
N LEU A 18 -5.54 -7.82 5.36
CA LEU A 18 -6.26 -6.62 5.00
C LEU A 18 -5.35 -5.52 4.44
N TYR A 19 -4.13 -5.87 4.05
CA TYR A 19 -3.32 -4.93 3.27
C TYR A 19 -3.64 -5.05 1.78
N PHE A 20 -4.19 -3.99 1.21
CA PHE A 20 -4.46 -3.93 -0.22
C PHE A 20 -3.41 -3.08 -0.91
N GLN A 21 -2.74 -3.67 -1.89
CA GLN A 21 -1.75 -2.94 -2.70
C GLN A 21 -2.51 -2.08 -3.72
N SER A 22 -2.47 -0.76 -3.53
CA SER A 22 -3.16 0.15 -4.46
C SER A 22 -2.35 0.35 -5.75
N ASN A 23 -2.98 0.93 -6.77
CA ASN A 23 -2.32 1.13 -8.05
C ASN A 23 -1.03 1.92 -7.88
N ALA A 24 0.00 1.51 -8.61
CA ALA A 24 1.30 2.17 -8.56
C ALA A 24 1.18 3.62 -9.00
N ARG A 26 3.58 6.43 -10.24
CA ARG A 26 4.93 6.57 -10.79
C ARG A 26 5.07 7.89 -11.52
N ILE A 27 5.97 8.74 -11.03
CA ILE A 27 6.02 10.13 -11.43
C ILE A 27 7.43 10.59 -11.85
N ILE A 28 7.53 11.25 -12.99
CA ILE A 28 8.71 12.06 -13.28
C ILE A 28 8.44 13.51 -12.84
N LEU A 29 9.24 14.01 -11.92
CA LEU A 29 9.12 15.40 -11.45
C LEU A 29 10.12 16.29 -12.18
N LEU A 30 9.65 17.38 -12.78
CA LEU A 30 10.51 18.35 -13.46
C LEU A 30 10.40 19.74 -12.80
N GLY A 31 11.48 20.52 -12.85
CA GLY A 31 11.45 21.88 -12.31
C GLY A 31 12.81 22.55 -12.33
N ALA A 32 12.83 23.85 -12.66
CA ALA A 32 14.09 24.59 -12.77
C ALA A 32 14.80 24.71 -11.42
N PRO A 33 16.12 24.94 -11.45
CA PRO A 33 16.85 25.37 -10.25
C PRO A 33 16.13 26.55 -9.61
N GLY A 34 15.70 26.39 -8.37
CA GLY A 34 15.00 27.47 -7.69
C GLY A 34 13.50 27.31 -7.64
N ALA A 35 12.93 26.42 -8.47
CA ALA A 35 11.48 26.29 -8.56
C ALA A 35 10.85 25.73 -7.28
N GLY A 36 11.66 25.09 -6.44
CA GLY A 36 11.16 24.46 -5.22
C GLY A 36 10.56 23.08 -5.40
N LYS A 37 11.00 22.36 -6.43
CA LYS A 37 10.47 21.02 -6.69
C LYS A 37 10.87 20.02 -5.60
N GLY A 38 12.01 20.24 -4.97
CA GLY A 38 12.48 19.33 -3.93
C GLY A 38 11.52 19.28 -2.74
N THR A 39 10.94 20.43 -2.43
CA THR A 39 9.94 20.52 -1.37
C THR A 39 8.67 19.76 -1.75
N GLN A 40 8.21 19.93 -2.99
CA GLN A 40 7.03 19.20 -3.43
C GLN A 40 7.27 17.70 -3.48
N ALA A 41 8.50 17.29 -3.77
CA ALA A 41 8.80 15.86 -3.88
C ALA A 41 8.61 15.17 -2.52
N LYS A 42 9.08 15.82 -1.46
CA LYS A 42 8.96 15.27 -0.11
C LYS A 42 7.50 15.17 0.28
N ILE A 43 6.76 16.21 -0.09
CA ILE A 43 5.35 16.26 0.24
C ILE A 43 4.59 15.14 -0.48
N ILE A 44 4.88 14.95 -1.76
CA ILE A 44 4.25 13.87 -2.51
C ILE A 44 4.62 12.52 -1.89
N GLU A 45 5.90 12.36 -1.58
CA GLU A 45 6.46 11.11 -1.07
C GLU A 45 5.73 10.72 0.19
N GLN A 46 5.56 11.70 1.09
CA GLN A 46 5.00 11.45 2.40
C GLN A 46 3.49 11.16 2.36
N LYS A 47 2.77 11.82 1.46
CA LYS A 47 1.32 11.63 1.36
C LYS A 47 0.94 10.34 0.66
N TYR A 48 1.65 10.01 -0.42
CA TYR A 48 1.31 8.85 -1.24
C TYR A 48 2.16 7.63 -0.89
N ASN A 49 3.13 7.81 0.01
CA ASN A 49 3.97 6.70 0.43
C ASN A 49 4.69 6.03 -0.75
N ILE A 50 5.44 6.83 -1.52
CA ILE A 50 6.27 6.30 -2.61
C ILE A 50 7.69 6.81 -2.44
N ALA A 51 8.65 6.21 -3.16
CA ALA A 51 10.04 6.64 -3.05
C ALA A 51 10.40 7.89 -3.86
N HIS A 52 10.94 8.88 -3.18
CA HIS A 52 11.57 10.03 -3.85
C HIS A 52 12.98 9.61 -4.27
N ILE A 53 13.19 9.45 -5.57
CA ILE A 53 14.47 9.04 -6.09
C ILE A 53 15.13 10.22 -6.77
N SER A 54 16.10 10.83 -6.10
CA SER A 54 16.86 11.89 -6.75
C SER A 54 18.22 11.38 -7.17
N THR A 55 18.64 11.78 -8.37
CA THR A 55 19.86 11.31 -8.97
C THR A 55 21.09 11.54 -8.10
N GLY A 56 21.19 12.72 -7.50
CA GLY A 56 22.36 13.05 -6.69
C GLY A 56 22.53 12.06 -5.55
N ASP A 57 21.42 11.78 -4.86
CA ASP A 57 21.41 10.81 -3.76
C ASP A 57 21.73 9.42 -4.27
N ILE A 59 23.29 8.34 -6.93
CA ILE A 59 24.69 8.19 -7.30
C ILE A 59 25.59 7.97 -6.08
N ARG A 60 25.51 8.89 -5.12
CA ARG A 60 26.32 8.77 -3.91
C ARG A 60 26.09 7.47 -3.15
N GLU A 61 24.82 7.07 -3.02
CA GLU A 61 24.50 5.82 -2.32
C GLU A 61 25.09 4.64 -3.10
N THR A 62 25.05 4.74 -4.42
CA THR A 62 25.56 3.66 -5.27
C THR A 62 27.08 3.52 -5.10
N ILE A 63 27.80 4.64 -5.09
CA ILE A 63 29.25 4.64 -4.88
C ILE A 63 29.64 4.03 -3.52
N LYS A 64 28.81 4.26 -2.50
CA LYS A 64 29.08 3.79 -1.14
C LYS A 64 28.82 2.31 -0.95
N SER A 65 27.85 1.80 -1.71
CA SER A 65 27.37 0.43 -1.57
C SER A 65 28.46 -0.64 -1.67
N GLY A 66 29.44 -0.44 -2.54
CA GLY A 66 30.44 -1.45 -2.80
C GLY A 66 29.94 -2.51 -3.77
N SER A 67 28.75 -2.27 -4.34
CA SER A 67 28.15 -3.19 -5.30
C SER A 67 28.96 -3.16 -6.57
N ALA A 68 28.74 -4.13 -7.45
CA ALA A 68 29.42 -4.14 -8.73
C ALA A 68 29.06 -2.85 -9.48
N LEU A 69 27.77 -2.50 -9.46
CA LEU A 69 27.31 -1.24 -10.06
C LEU A 69 28.13 -0.08 -9.51
N GLY A 70 28.26 -0.02 -8.19
CA GLY A 70 29.04 1.02 -7.53
C GLY A 70 30.52 1.01 -7.88
N GLN A 71 31.09 -0.19 -8.06
CA GLN A 71 32.49 -0.34 -8.41
C GLN A 71 32.73 0.21 -9.80
N GLU A 72 31.79 -0.03 -10.71
CA GLU A 72 31.92 0.41 -12.08
C GLU A 72 31.76 1.93 -12.18
N LEU A 73 30.83 2.48 -11.42
CA LEU A 73 30.60 3.92 -11.36
C LEU A 73 31.80 4.68 -10.79
N LYS A 74 32.33 4.20 -9.68
CA LYS A 74 33.50 4.81 -9.05
C LYS A 74 34.70 4.80 -9.99
N LYS A 75 34.76 3.76 -10.82
CA LYS A 75 35.81 3.63 -11.82
C LYS A 75 35.70 4.77 -12.84
N VAL A 76 34.51 4.90 -13.41
CA VAL A 76 34.20 5.95 -14.38
C VAL A 76 34.53 7.35 -13.88
N LEU A 77 34.06 7.67 -12.68
CA LEU A 77 34.22 9.00 -12.10
C LEU A 77 35.67 9.34 -11.73
N ASP A 78 36.49 8.31 -11.48
CA ASP A 78 37.91 8.53 -11.18
C ASP A 78 38.74 8.69 -12.46
N ALA A 79 38.17 8.27 -13.59
CA ALA A 79 38.86 8.40 -14.86
C ALA A 79 38.56 9.77 -15.49
N GLY A 80 37.58 10.47 -14.94
CA GLY A 80 37.20 11.78 -15.42
C GLY A 80 36.01 11.75 -16.35
N GLU A 81 35.69 10.56 -16.85
CA GLU A 81 34.59 10.40 -17.80
C GLU A 81 33.22 10.65 -17.15
N LEU A 82 32.30 11.21 -17.91
CA LEU A 82 30.96 11.51 -17.39
C LEU A 82 30.05 10.28 -17.53
N VAL A 83 29.05 10.19 -16.65
CA VAL A 83 28.15 9.05 -16.60
C VAL A 83 27.23 8.94 -17.82
N SER A 84 27.30 7.81 -18.53
CA SER A 84 26.47 7.60 -19.71
C SER A 84 24.97 7.47 -19.38
N ASP A 85 24.13 7.66 -20.39
CA ASP A 85 22.69 7.59 -20.22
C ASP A 85 22.24 6.16 -19.95
N GLU A 86 22.81 5.21 -20.70
CA GLU A 86 22.47 3.80 -20.54
C GLU A 86 22.77 3.34 -19.11
N PHE A 87 23.91 3.81 -18.59
CA PHE A 87 24.40 3.42 -17.27
C PHE A 87 23.58 4.01 -16.13
N ILE A 88 23.25 5.30 -16.23
CA ILE A 88 22.44 5.94 -15.18
C ILE A 88 21.04 5.31 -15.10
N ILE A 89 20.51 4.89 -16.23
CA ILE A 89 19.19 4.25 -16.23
C ILE A 89 19.27 2.81 -15.69
N LYS A 90 20.38 2.12 -15.95
CA LYS A 90 20.67 0.84 -15.32
C LYS A 90 20.70 0.96 -13.78
N ILE A 91 21.24 2.08 -13.29
CA ILE A 91 21.24 2.35 -11.86
C ILE A 91 19.82 2.60 -11.34
N VAL A 92 19.04 3.37 -12.11
CA VAL A 92 17.65 3.63 -11.79
C VAL A 92 16.81 2.34 -11.70
N LYS A 93 16.91 1.49 -12.72
CA LYS A 93 16.18 0.23 -12.76
C LYS A 93 16.46 -0.59 -11.50
N ASP A 94 17.72 -0.65 -11.10
CA ASP A 94 18.09 -1.34 -9.87
C ASP A 94 17.48 -0.65 -8.65
N ARG A 95 17.59 0.68 -8.58
CA ARG A 95 17.07 1.45 -7.44
C ARG A 95 15.58 1.21 -7.24
N ILE A 96 14.85 1.04 -8.33
CA ILE A 96 13.40 0.92 -8.20
C ILE A 96 12.97 -0.53 -8.04
N SER A 97 13.93 -1.44 -8.02
CA SER A 97 13.59 -2.83 -7.73
C SER A 97 13.43 -3.01 -6.23
N LYS A 98 13.81 -2.00 -5.46
CA LYS A 98 13.86 -2.13 -4.00
C LYS A 98 12.50 -2.00 -3.31
N ASN A 99 12.40 -2.56 -2.11
CA ASN A 99 11.12 -2.69 -1.41
C ASN A 99 10.41 -1.37 -1.14
N ASP A 100 11.15 -0.27 -0.98
CA ASP A 100 10.50 1.01 -0.69
C ASP A 100 9.80 1.59 -1.92
N CYS A 101 9.95 0.91 -3.06
CA CYS A 101 9.30 1.31 -4.31
C CYS A 101 8.10 0.40 -4.62
N ASN A 102 7.60 -0.30 -3.62
CA ASN A 102 6.46 -1.20 -3.76
C ASN A 102 5.20 -0.49 -4.27
N ASN A 103 5.06 0.77 -3.88
CA ASN A 103 3.89 1.62 -4.14
C ASN A 103 4.10 2.59 -5.30
N GLY A 104 5.28 2.53 -5.91
CA GLY A 104 5.62 3.49 -6.95
C GLY A 104 6.80 4.37 -6.55
N PHE A 105 7.05 5.41 -7.35
CA PHE A 105 8.18 6.28 -7.08
C PHE A 105 8.04 7.59 -7.82
N LEU A 106 8.92 8.51 -7.46
CA LEU A 106 8.96 9.84 -8.02
C LEU A 106 10.40 10.00 -8.54
N LEU A 107 10.59 10.13 -9.86
CA LEU A 107 11.94 10.38 -10.38
C LEU A 107 12.25 11.88 -10.43
N ASP A 108 13.40 12.22 -9.88
CA ASP A 108 13.79 13.61 -9.66
C ASP A 108 15.22 13.73 -10.16
N GLY A 109 15.40 14.09 -11.43
CA GLY A 109 16.74 14.21 -12.02
C GLY A 109 16.97 13.36 -13.27
N VAL A 110 16.13 12.33 -13.42
CA VAL A 110 16.09 11.49 -14.63
C VAL A 110 14.63 11.31 -15.06
N PRO A 111 14.37 11.17 -16.37
CA PRO A 111 15.31 11.33 -17.49
C PRO A 111 15.62 12.80 -17.71
N ARG A 112 16.86 13.09 -18.07
CA ARG A 112 17.31 14.46 -18.29
C ARG A 112 17.47 14.68 -19.79
N THR A 113 17.48 13.58 -20.55
CA THR A 113 17.68 13.62 -22.00
C THR A 113 16.79 12.62 -22.71
N ILE A 114 16.62 12.78 -24.01
CA ILE A 114 15.86 11.81 -24.81
C ILE A 114 16.40 10.37 -24.69
N PRO A 115 17.72 10.16 -24.88
CA PRO A 115 18.20 8.77 -24.73
C PRO A 115 17.89 8.15 -23.36
N GLN A 116 17.94 8.94 -22.28
CA GLN A 116 17.55 8.42 -20.98
C GLN A 116 16.10 7.96 -20.96
N ALA A 117 15.22 8.75 -21.58
CA ALA A 117 13.80 8.42 -21.63
C ALA A 117 13.58 7.17 -22.47
N GLN A 118 14.34 7.06 -23.54
CA GLN A 118 14.26 5.90 -24.42
C GLN A 118 14.72 4.65 -23.69
N GLU A 119 15.80 4.76 -22.92
CA GLU A 119 16.29 3.61 -22.16
C GLU A 119 15.28 3.17 -21.08
N LEU A 120 14.55 4.13 -20.51
CA LEU A 120 13.49 3.80 -19.54
C LEU A 120 12.40 2.97 -20.22
N ASP A 121 12.00 3.42 -21.41
CA ASP A 121 11.04 2.71 -22.23
C ASP A 121 11.53 1.28 -22.53
N LYS A 122 12.77 1.17 -23.02
CA LYS A 122 13.36 -0.14 -23.34
C LYS A 122 13.58 -1.01 -22.10
N LEU A 123 13.89 -0.38 -20.96
CA LEU A 123 14.05 -1.14 -19.71
C LEU A 123 12.68 -1.50 -19.09
N GLY A 124 11.61 -1.09 -19.75
CA GLY A 124 10.25 -1.43 -19.31
C GLY A 124 9.74 -0.65 -18.11
N VAL A 125 10.30 0.52 -17.85
CA VAL A 125 9.85 1.34 -16.72
C VAL A 125 8.67 2.24 -17.12
N ASN A 126 7.49 1.96 -16.57
CA ASN A 126 6.31 2.76 -16.87
C ASN A 126 6.24 4.01 -16.03
N ILE A 127 5.73 5.09 -16.61
CA ILE A 127 5.57 6.37 -15.89
C ILE A 127 4.13 6.85 -16.05
N ASP A 128 3.48 7.18 -14.93
CA ASP A 128 2.06 7.55 -15.00
C ASP A 128 1.88 9.03 -15.29
N TYR A 129 2.71 9.84 -14.61
CA TYR A 129 2.64 11.29 -14.71
C TYR A 129 3.99 11.97 -14.92
N ILE A 130 3.97 13.06 -15.68
CA ILE A 130 5.06 14.02 -15.68
C ILE A 130 4.56 15.31 -15.06
N VAL A 131 5.06 15.63 -13.87
CA VAL A 131 4.62 16.83 -13.14
C VAL A 131 5.70 17.92 -13.19
N GLU A 132 5.38 19.03 -13.84
CA GLU A 132 6.34 20.12 -14.00
C GLU A 132 5.96 21.31 -13.13
N VAL A 133 6.82 21.66 -12.18
CA VAL A 133 6.60 22.83 -11.35
C VAL A 133 7.17 24.07 -12.05
N ASP A 134 6.28 24.85 -12.68
CA ASP A 134 6.69 25.98 -13.50
C ASP A 134 6.72 27.27 -12.68
N VAL A 135 7.88 27.93 -12.65
CA VAL A 135 8.05 29.20 -11.94
C VAL A 135 8.73 30.20 -12.89
N ALA A 136 8.31 31.47 -12.86
CA ALA A 136 8.81 32.45 -13.81
C ALA A 136 10.32 32.66 -13.71
N ASP A 137 10.98 32.79 -14.86
CA ASP A 137 12.43 32.91 -14.93
C ASP A 137 12.99 33.94 -13.94
N ASN A 138 12.39 35.12 -13.90
CA ASN A 138 12.87 36.20 -13.01
C ASN A 138 12.91 35.81 -11.54
N LEU A 139 11.88 35.13 -11.09
CA LEU A 139 11.81 34.65 -9.70
C LEU A 139 12.87 33.58 -9.44
N LEU A 140 13.04 32.69 -10.42
CA LEU A 140 14.08 31.67 -10.36
C LEU A 140 15.45 32.31 -10.25
N ILE A 141 15.70 33.29 -11.12
CA ILE A 141 16.94 34.06 -11.11
C ILE A 141 17.26 34.61 -9.72
N GLU A 142 16.30 35.36 -9.16
CA GLU A 142 16.45 35.99 -7.86
C GLU A 142 16.71 34.97 -6.73
N ARG A 143 16.07 33.82 -6.81
CA ARG A 143 16.26 32.78 -5.80
C ARG A 143 17.69 32.24 -5.77
N ILE A 144 18.32 32.10 -6.94
CA ILE A 144 19.68 31.60 -6.97
C ILE A 144 20.68 32.71 -6.65
N THR A 145 20.60 33.81 -7.40
CA THR A 145 21.60 34.87 -7.31
C THR A 145 21.67 35.59 -5.96
N GLY A 146 20.63 35.46 -5.14
CA GLY A 146 20.64 36.11 -3.84
C GLY A 146 21.36 35.33 -2.76
N ARG A 147 21.71 34.08 -3.06
CA ARG A 147 22.33 33.19 -2.07
C ARG A 147 23.69 33.70 -1.66
N ARG A 148 23.94 33.72 -0.35
CA ARG A 148 25.26 34.02 0.18
C ARG A 148 25.65 32.89 1.12
N ILE A 149 26.94 32.79 1.44
CA ILE A 149 27.38 31.77 2.39
C ILE A 149 28.61 32.24 3.18
N HIS A 150 28.68 31.83 4.44
CA HIS A 150 29.88 32.06 5.25
C HIS A 150 30.69 30.79 5.19
N PRO A 151 31.75 30.79 4.37
CA PRO A 151 32.45 29.55 4.01
C PRO A 151 32.97 28.72 5.19
N ALA A 152 33.51 29.37 6.22
CA ALA A 152 34.10 28.64 7.35
C ALA A 152 33.08 27.80 8.12
N SER A 153 31.86 28.32 8.26
CA SER A 153 30.85 27.63 9.05
C SER A 153 29.78 27.02 8.17
N GLY A 154 29.67 27.53 6.95
CA GLY A 154 28.65 27.06 6.02
C GLY A 154 27.29 27.70 6.26
N ARG A 155 27.21 28.71 7.12
CA ARG A 155 25.92 29.38 7.37
C ARG A 155 25.43 30.06 6.11
N THR A 156 24.17 29.83 5.76
CA THR A 156 23.59 30.37 4.53
C THR A 156 22.74 31.59 4.78
N TYR A 157 22.76 32.50 3.81
CA TYR A 157 21.88 33.67 3.83
C TYR A 157 21.37 33.84 2.42
N HIS A 158 20.41 34.75 2.28
CA HIS A 158 19.90 35.10 0.97
C HIS A 158 19.59 36.59 1.02
N THR A 159 20.07 37.32 0.03
CA THR A 159 20.06 38.78 0.11
C THR A 159 18.65 39.37 0.19
N LYS A 160 17.65 38.56 -0.12
CA LYS A 160 16.27 39.00 -0.07
C LYS A 160 15.44 38.18 0.93
N PHE A 161 15.63 36.87 0.92
CA PHE A 161 14.77 35.96 1.69
C PHE A 161 15.26 35.67 3.10
N ASN A 162 16.56 35.86 3.34
CA ASN A 162 17.17 35.61 4.63
C ASN A 162 18.44 36.45 4.78
N PRO A 163 18.29 37.78 4.88
CA PRO A 163 19.46 38.66 4.86
C PRO A 163 20.24 38.63 6.18
N PRO A 164 21.55 38.90 6.13
CA PRO A 164 22.36 39.03 7.35
C PRO A 164 22.12 40.40 7.98
N LYS A 165 22.42 40.55 9.28
CA LYS A 165 22.23 41.83 9.98
C LYS A 165 22.98 42.97 9.27
N VAL A 166 24.22 42.69 8.91
CA VAL A 166 25.05 43.62 8.16
C VAL A 166 25.36 42.99 6.80
N ALA A 167 25.04 43.73 5.73
CA ALA A 167 25.29 43.28 4.36
C ALA A 167 26.67 42.65 4.17
N ASP A 168 26.71 41.46 3.56
CA ASP A 168 27.92 40.76 3.16
C ASP A 168 28.79 40.25 4.32
N LYS A 169 28.24 40.26 5.54
CA LYS A 169 28.98 39.76 6.69
C LYS A 169 28.18 38.69 7.44
N ASP A 170 28.89 37.69 7.96
CA ASP A 170 28.29 36.65 8.77
C ASP A 170 27.80 37.24 10.09
N ASP A 171 26.59 36.87 10.50
CA ASP A 171 26.02 37.40 11.74
C ASP A 171 26.81 37.01 12.98
N VAL A 172 27.32 35.78 13.01
CA VAL A 172 28.00 35.27 14.19
C VAL A 172 29.39 35.86 14.36
N THR A 173 30.17 35.81 13.29
CA THR A 173 31.59 36.16 13.35
C THR A 173 31.91 37.55 12.81
N GLY A 174 31.09 38.04 11.89
CA GLY A 174 31.37 39.30 11.22
C GLY A 174 32.33 39.12 10.05
N GLU A 175 32.69 37.87 9.76
CA GLU A 175 33.57 37.54 8.63
C GLU A 175 32.76 37.67 7.34
N PRO A 176 33.43 38.02 6.23
CA PRO A 176 32.69 38.27 4.99
C PRO A 176 31.96 37.04 4.43
N LEU A 177 30.83 37.27 3.78
CA LEU A 177 30.12 36.22 3.07
C LEU A 177 30.67 36.18 1.65
N ILE A 178 30.43 35.09 0.92
CA ILE A 178 30.74 35.06 -0.51
C ILE A 178 29.51 34.59 -1.29
N THR A 179 29.56 34.77 -2.60
CA THR A 179 28.57 34.16 -3.48
C THR A 179 29.29 32.98 -4.12
N ARG A 180 28.65 31.82 -4.10
CA ARG A 180 29.22 30.66 -4.76
C ARG A 180 29.43 30.94 -6.24
N THR A 181 30.43 30.31 -6.84
CA THR A 181 30.82 30.57 -8.24
C THR A 181 29.65 30.39 -9.21
N ASP A 182 28.90 29.31 -9.04
CA ASP A 182 27.80 28.97 -9.94
C ASP A 182 26.57 29.87 -9.79
N ASP A 183 26.45 30.54 -8.64
CA ASP A 183 25.30 31.40 -8.35
C ASP A 183 25.41 32.81 -8.93
N ASN A 184 26.45 33.08 -9.72
CA ASN A 184 26.52 34.35 -10.43
C ASN A 184 25.42 34.43 -11.51
N GLU A 185 24.95 35.64 -11.79
CA GLU A 185 23.79 35.85 -12.66
C GLU A 185 23.93 35.25 -14.06
N ASP A 186 25.07 35.44 -14.70
CA ASP A 186 25.30 34.91 -16.05
C ASP A 186 25.26 33.38 -16.07
N THR A 187 25.90 32.74 -15.10
CA THR A 187 25.90 31.27 -15.03
C THR A 187 24.49 30.73 -14.78
N VAL A 188 23.75 31.38 -13.88
CA VAL A 188 22.36 31.04 -13.62
C VAL A 188 21.54 31.07 -14.90
N LYS A 189 21.58 32.21 -15.60
CA LYS A 189 20.79 32.38 -16.83
C LYS A 189 21.18 31.38 -17.93
N GLN A 190 22.46 31.06 -18.05
CA GLN A 190 22.89 30.06 -19.03
C GLN A 190 22.41 28.66 -18.65
N ARG A 191 22.59 28.27 -17.39
CA ARG A 191 22.08 26.97 -16.91
C ARG A 191 20.55 26.92 -16.98
N LEU A 192 19.91 28.07 -16.78
CA LEU A 192 18.47 28.19 -16.90
C LEU A 192 18.02 27.89 -18.33
N SER A 193 18.72 28.47 -19.30
CA SER A 193 18.36 28.30 -20.69
C SER A 193 18.49 26.86 -21.13
N VAL A 194 19.60 26.21 -20.78
CA VAL A 194 19.78 24.81 -21.14
C VAL A 194 18.79 23.93 -20.40
N TYR A 195 18.29 24.39 -19.25
CA TYR A 195 17.23 23.66 -18.56
C TYR A 195 15.95 23.68 -19.41
N HIS A 196 15.53 24.88 -19.79
CA HIS A 196 14.27 25.04 -20.54
C HIS A 196 14.31 24.32 -21.88
N ALA A 197 15.46 24.33 -22.54
CA ALA A 197 15.61 23.64 -23.82
C ALA A 197 15.60 22.12 -23.65
N GLN A 198 16.42 21.62 -22.72
CA GLN A 198 16.48 20.19 -22.44
C GLN A 198 15.11 19.66 -21.98
N THR A 199 14.38 20.50 -21.23
CA THR A 199 13.05 20.14 -20.76
C THR A 199 12.00 20.14 -21.88
N ALA A 200 11.99 21.19 -22.69
CA ALA A 200 11.00 21.31 -23.77
C ALA A 200 11.06 20.13 -24.74
N LYS A 201 12.27 19.63 -24.98
CA LYS A 201 12.48 18.46 -25.83
C LYS A 201 11.96 17.20 -25.18
N LEU A 202 12.12 17.10 -23.86
CA LEU A 202 11.68 15.96 -23.08
C LEU A 202 10.16 15.83 -23.10
N ILE A 203 9.47 16.96 -22.96
CA ILE A 203 8.02 16.99 -22.90
C ILE A 203 7.42 16.67 -24.27
N ASP A 204 7.99 17.27 -25.31
CA ASP A 204 7.52 16.97 -26.66
C ASP A 204 7.78 15.51 -27.04
N PHE A 205 8.90 14.95 -26.55
CA PHE A 205 9.15 13.52 -26.72
C PHE A 205 8.02 12.74 -26.08
N TYR A 206 7.75 13.05 -24.81
CA TYR A 206 6.69 12.38 -24.08
C TYR A 206 5.30 12.74 -24.60
N ARG A 207 5.16 13.95 -25.12
CA ARG A 207 3.91 14.40 -25.72
C ARG A 207 3.59 13.60 -26.98
N ASN A 208 4.62 13.30 -27.78
CA ASN A 208 4.49 12.44 -28.95
C ASN A 208 4.98 11.03 -28.65
N PHE A 209 4.81 10.59 -27.42
CA PHE A 209 5.25 9.27 -27.03
C PHE A 209 4.45 8.20 -27.79
N SER A 210 5.18 7.23 -28.33
CA SER A 210 4.58 6.09 -29.03
C SER A 210 5.45 4.88 -28.76
N SER A 211 4.93 3.94 -27.98
CA SER A 211 5.69 2.77 -27.56
C SER A 211 4.82 1.52 -27.42
N THR A 212 5.47 0.37 -27.41
CA THR A 212 4.78 -0.91 -27.28
C THR A 212 5.29 -1.59 -26.00
N ASN A 213 6.29 -0.98 -25.39
CA ASN A 213 6.91 -1.52 -24.17
C ASN A 213 6.41 -0.82 -22.91
N THR A 214 6.10 0.48 -22.99
CA THR A 214 5.55 1.23 -21.86
C THR A 214 4.31 2.09 -22.20
N LYS A 215 3.75 2.76 -21.20
CA LYS A 215 2.55 3.60 -21.34
C LYS A 215 2.87 5.08 -21.62
N ILE A 216 1.85 5.83 -22.07
CA ILE A 216 1.98 7.28 -22.30
C ILE A 216 1.64 8.08 -21.04
N PRO A 217 2.65 8.73 -20.45
CA PRO A 217 2.45 9.46 -19.18
C PRO A 217 1.56 10.66 -19.38
N LYS A 218 0.79 11.01 -18.35
CA LYS A 218 -0.03 12.21 -18.39
C LYS A 218 0.83 13.40 -17.98
N TYR A 219 0.95 14.40 -18.87
CA TYR A 219 1.70 15.61 -18.56
C TYR A 219 0.88 16.59 -17.72
N ILE A 220 1.46 17.05 -16.62
CA ILE A 220 0.80 18.00 -15.72
C ILE A 220 1.71 19.19 -15.47
N LYS A 221 1.19 20.39 -15.72
CA LYS A 221 1.96 21.61 -15.49
C LYS A 221 1.40 22.38 -14.30
N ILE A 222 2.25 22.64 -13.30
CA ILE A 222 1.79 23.26 -12.06
C ILE A 222 2.33 24.68 -11.93
N ASN A 223 1.46 25.62 -11.58
CA ASN A 223 1.90 26.96 -11.16
C ASN A 223 2.63 26.88 -9.82
N GLY A 224 3.96 27.01 -9.84
CA GLY A 224 4.75 26.93 -8.62
C GLY A 224 4.91 28.25 -7.87
N ASP A 225 4.34 29.32 -8.42
CA ASP A 225 4.37 30.62 -7.77
C ASP A 225 3.11 30.85 -6.90
N GLN A 226 2.94 30.00 -5.91
CA GLN A 226 1.83 30.12 -4.95
C GLN A 226 2.39 29.65 -3.60
N ALA A 227 1.58 29.75 -2.54
CA ALA A 227 1.94 29.15 -1.26
C ALA A 227 2.25 27.67 -1.45
N VAL A 228 3.17 27.14 -0.64
CA VAL A 228 3.59 25.75 -0.78
C VAL A 228 2.38 24.82 -0.69
N GLU A 229 1.50 25.09 0.27
CA GLU A 229 0.36 24.24 0.52
C GLU A 229 -0.62 24.30 -0.65
N LYS A 230 -0.62 25.42 -1.36
CA LYS A 230 -1.45 25.58 -2.56
C LYS A 230 -0.83 24.87 -3.78
N VAL A 231 0.49 24.94 -3.93
CA VAL A 231 1.17 24.23 -5.01
C VAL A 231 0.88 22.73 -4.85
N SER A 232 0.98 22.25 -3.61
CA SER A 232 0.73 20.86 -3.29
C SER A 232 -0.68 20.41 -3.65
N GLN A 233 -1.68 21.19 -3.26
CA GLN A 233 -3.07 20.86 -3.56
C GLN A 233 -3.37 20.84 -5.06
N ASP A 234 -2.82 21.81 -5.79
CA ASP A 234 -2.95 21.83 -7.26
C ASP A 234 -2.40 20.51 -7.82
N ILE A 235 -1.25 20.08 -7.30
CA ILE A 235 -0.66 18.81 -7.71
C ILE A 235 -1.59 17.65 -7.35
N PHE A 236 -1.99 17.58 -6.08
CA PHE A 236 -2.93 16.58 -5.61
C PHE A 236 -4.19 16.51 -6.47
N ASP A 237 -4.79 17.66 -6.78
CA ASP A 237 -6.03 17.72 -7.57
C ASP A 237 -5.82 17.08 -8.94
N GLN A 238 -4.60 17.24 -9.48
CA GLN A 238 -4.31 16.73 -10.82
C GLN A 238 -4.08 15.22 -10.85
N LEU A 239 -3.39 14.71 -9.85
CA LEU A 239 -3.11 13.29 -9.75
C LEU A 239 -4.40 12.50 -9.60
N ASN A 240 -5.37 13.08 -8.88
CA ASN A 240 -6.66 12.43 -8.63
C ASN A 240 -7.63 12.51 -9.83
N LYS A 241 -7.39 13.44 -10.75
CA LYS A 241 -8.25 13.57 -11.93
C LYS A 241 -8.10 12.38 -12.87
N THR B 15 -9.70 -13.18 -0.23
CA THR B 15 -8.35 -12.63 -0.43
C THR B 15 -7.97 -12.56 -1.91
N GLU B 16 -8.21 -11.40 -2.53
CA GLU B 16 -7.80 -11.12 -3.90
C GLU B 16 -6.91 -9.89 -3.93
N ASN B 17 -5.60 -10.11 -4.04
CA ASN B 17 -4.61 -9.05 -3.85
C ASN B 17 -4.70 -8.42 -2.47
N LEU B 18 -5.00 -9.24 -1.45
CA LEU B 18 -4.92 -8.78 -0.05
C LEU B 18 -3.85 -9.52 0.76
N TYR B 19 -3.13 -8.80 1.60
CA TYR B 19 -1.99 -9.41 2.29
C TYR B 19 -1.99 -9.13 3.79
N PHE B 20 -1.21 -9.91 4.53
CA PHE B 20 -1.16 -9.82 5.99
C PHE B 20 -0.63 -8.47 6.47
N GLN B 21 -1.43 -7.80 7.29
CA GLN B 21 -0.99 -6.54 7.86
C GLN B 21 0.06 -6.87 8.90
N SER B 22 1.32 -6.66 8.54
CA SER B 22 2.44 -6.96 9.41
C SER B 22 2.52 -5.89 10.51
N ASN B 23 3.24 -6.17 11.60
CA ASN B 23 3.46 -5.11 12.59
C ASN B 23 4.54 -4.15 12.09
N ALA B 24 4.30 -2.84 12.26
CA ALA B 24 5.27 -1.82 11.87
C ALA B 24 6.58 -2.03 12.64
N ARG B 26 9.73 0.02 14.33
CA ARG B 26 10.19 1.34 14.70
C ARG B 26 11.58 1.28 15.34
N ILE B 27 12.51 2.08 14.82
CA ILE B 27 13.91 1.94 15.18
C ILE B 27 14.46 3.30 15.62
N ILE B 28 15.26 3.28 16.69
CA ILE B 28 16.11 4.43 17.03
C ILE B 28 17.50 4.07 16.57
N LEU B 29 18.08 4.90 15.72
CA LEU B 29 19.38 4.63 15.15
C LEU B 29 20.34 5.58 15.83
N LEU B 30 21.43 5.04 16.38
CA LEU B 30 22.40 5.89 17.06
C LEU B 30 23.76 5.71 16.38
N GLY B 31 24.55 6.78 16.31
CA GLY B 31 25.93 6.67 15.89
C GLY B 31 26.60 8.02 15.94
N ALA B 32 27.87 8.04 16.30
CA ALA B 32 28.63 9.28 16.43
C ALA B 32 28.83 9.91 15.07
N PRO B 33 29.18 11.20 15.03
CA PRO B 33 29.52 11.78 13.73
C PRO B 33 30.67 11.01 13.09
N GLY B 34 30.51 10.65 11.83
CA GLY B 34 31.56 9.94 11.10
C GLY B 34 31.39 8.44 11.13
N ALA B 35 30.37 7.96 11.84
CA ALA B 35 30.18 6.53 11.98
C ALA B 35 29.50 5.92 10.75
N GLY B 36 28.99 6.77 9.87
CA GLY B 36 28.30 6.32 8.67
C GLY B 36 26.85 5.89 8.90
N LYS B 37 26.25 6.36 9.99
CA LYS B 37 24.89 5.94 10.30
C LYS B 37 23.94 6.36 9.17
N GLY B 38 24.21 7.51 8.55
CA GLY B 38 23.37 8.07 7.50
C GLY B 38 23.22 7.11 6.32
N THR B 39 24.32 6.49 5.95
CA THR B 39 24.32 5.52 4.86
C THR B 39 23.49 4.29 5.21
N GLN B 40 23.61 3.80 6.43
CA GLN B 40 22.88 2.60 6.78
C GLN B 40 21.40 2.88 6.91
N ALA B 41 21.05 4.11 7.31
CA ALA B 41 19.64 4.48 7.45
C ALA B 41 18.91 4.36 6.13
N LYS B 42 19.55 4.84 5.05
CA LYS B 42 18.96 4.79 3.71
C LYS B 42 18.78 3.32 3.31
N ILE B 43 19.75 2.51 3.69
CA ILE B 43 19.78 1.11 3.28
C ILE B 43 18.64 0.38 3.98
N ILE B 44 18.48 0.65 5.28
CA ILE B 44 17.39 0.07 6.07
C ILE B 44 16.04 0.52 5.54
N GLU B 45 15.92 1.82 5.30
CA GLU B 45 14.73 2.41 4.69
C GLU B 45 14.32 1.67 3.42
N GLN B 46 15.27 1.45 2.51
CA GLN B 46 14.97 0.82 1.22
C GLN B 46 14.65 -0.67 1.35
N LYS B 47 15.30 -1.35 2.28
CA LYS B 47 15.04 -2.80 2.46
C LYS B 47 13.69 -3.03 3.16
N TYR B 48 13.44 -2.28 4.23
CA TYR B 48 12.27 -2.55 5.05
C TYR B 48 11.07 -1.69 4.71
N ASN B 49 11.24 -0.76 3.78
CA ASN B 49 10.13 0.15 3.44
C ASN B 49 9.55 0.90 4.66
N ILE B 50 10.41 1.54 5.42
CA ILE B 50 9.96 2.35 6.55
C ILE B 50 10.58 3.74 6.35
N ALA B 51 9.99 4.79 6.93
CA ALA B 51 10.55 6.13 6.68
C ALA B 51 11.83 6.39 7.48
N HIS B 52 12.86 6.93 6.83
CA HIS B 52 14.02 7.47 7.55
C HIS B 52 13.72 8.90 7.99
N ILE B 53 13.60 9.13 9.29
CA ILE B 53 13.32 10.45 9.83
C ILE B 53 14.57 11.01 10.52
N SER B 54 15.25 11.95 9.86
CA SER B 54 16.35 12.64 10.51
C SER B 54 15.89 14.01 10.93
N THR B 55 16.32 14.42 12.12
CA THR B 55 15.86 15.67 12.71
C THR B 55 16.08 16.89 11.80
N GLY B 56 17.24 16.94 11.16
CA GLY B 56 17.58 18.09 10.32
C GLY B 56 16.58 18.28 9.20
N ASP B 57 16.33 17.22 8.46
CA ASP B 57 15.43 17.26 7.31
C ASP B 57 14.00 17.55 7.76
N ILE B 59 12.98 19.12 10.33
CA ILE B 59 12.81 20.53 10.72
C ILE B 59 12.69 21.42 9.50
N ARG B 60 13.57 21.22 8.52
CA ARG B 60 13.53 22.02 7.30
C ARG B 60 12.20 21.84 6.57
N GLU B 61 11.76 20.59 6.44
CA GLU B 61 10.50 20.29 5.76
C GLU B 61 9.29 20.90 6.47
N THR B 62 9.27 20.79 7.79
CA THR B 62 8.11 21.24 8.56
C THR B 62 7.94 22.74 8.39
N ILE B 63 9.06 23.44 8.33
CA ILE B 63 9.05 24.87 8.12
C ILE B 63 8.54 25.22 6.72
N LYS B 64 9.10 24.56 5.71
CA LYS B 64 8.74 24.83 4.32
C LYS B 64 7.31 24.40 3.97
N SER B 65 6.58 23.85 4.94
CA SER B 65 5.28 23.24 4.67
C SER B 65 4.11 24.22 4.75
N GLY B 66 4.25 25.27 5.54
CA GLY B 66 3.17 26.23 5.68
C GLY B 66 2.16 25.77 6.70
N SER B 67 2.41 24.60 7.25
CA SER B 67 1.62 24.07 8.36
C SER B 67 1.55 25.09 9.50
N ALA B 68 0.54 24.97 10.35
CA ALA B 68 0.46 25.82 11.53
C ALA B 68 1.60 25.46 12.48
N LEU B 69 1.89 24.17 12.59
CA LEU B 69 3.02 23.74 13.40
C LEU B 69 4.32 24.28 12.79
N GLY B 70 4.42 24.18 11.46
CA GLY B 70 5.60 24.65 10.75
C GLY B 70 5.82 26.14 10.88
N GLN B 71 4.73 26.90 10.97
CA GLN B 71 4.79 28.34 11.14
C GLN B 71 5.38 28.68 12.50
N GLU B 72 4.93 27.95 13.53
CA GLU B 72 5.38 28.22 14.89
C GLU B 72 6.86 27.87 15.01
N LEU B 73 7.25 26.76 14.38
CA LEU B 73 8.63 26.30 14.42
C LEU B 73 9.54 27.31 13.75
N LYS B 74 9.10 27.84 12.61
CA LYS B 74 9.91 28.81 11.89
C LYS B 74 10.09 30.08 12.71
N LYS B 75 9.10 30.39 13.56
CA LYS B 75 9.19 31.61 14.37
C LYS B 75 10.17 31.42 15.51
N VAL B 76 10.11 30.24 16.12
CA VAL B 76 11.02 29.90 17.20
C VAL B 76 12.46 30.03 16.69
N LEU B 77 12.73 29.40 15.55
CA LEU B 77 14.05 29.46 14.90
C LEU B 77 14.45 30.85 14.38
N ASP B 78 13.51 31.59 13.79
CA ASP B 78 13.82 32.96 13.34
C ASP B 78 14.18 33.85 14.52
N ALA B 79 13.66 33.51 15.71
CA ALA B 79 13.96 34.28 16.93
C ALA B 79 15.35 33.93 17.48
N GLY B 80 16.02 32.97 16.85
CA GLY B 80 17.32 32.52 17.31
C GLY B 80 17.25 31.66 18.56
N GLU B 81 16.04 31.20 18.89
CA GLU B 81 15.84 30.34 20.05
C GLU B 81 16.05 28.89 19.68
N LEU B 82 16.19 28.04 20.69
CA LEU B 82 16.36 26.61 20.47
C LEU B 82 15.05 25.86 20.58
N VAL B 83 14.91 24.82 19.77
CA VAL B 83 13.74 23.99 19.81
C VAL B 83 13.81 23.14 21.07
N SER B 84 12.84 23.29 21.97
CA SER B 84 12.80 22.54 23.22
C SER B 84 12.62 21.03 23.00
N ASP B 85 12.93 20.25 24.03
CA ASP B 85 12.68 18.82 24.04
C ASP B 85 11.23 18.51 23.73
N GLU B 86 10.32 19.30 24.28
CA GLU B 86 8.90 19.04 24.08
C GLU B 86 8.53 19.34 22.64
N PHE B 87 9.07 20.42 22.09
CA PHE B 87 8.68 20.85 20.75
C PHE B 87 9.18 19.89 19.68
N ILE B 88 10.43 19.40 19.83
CA ILE B 88 10.95 18.46 18.86
C ILE B 88 10.12 17.17 18.80
N ILE B 89 9.59 16.72 19.94
CA ILE B 89 8.76 15.54 19.93
C ILE B 89 7.37 15.86 19.32
N LYS B 90 6.89 17.09 19.49
CA LYS B 90 5.64 17.46 18.83
C LYS B 90 5.88 17.40 17.33
N ILE B 91 7.05 17.85 16.90
CA ILE B 91 7.38 17.78 15.48
C ILE B 91 7.46 16.33 15.01
N VAL B 92 8.02 15.46 15.86
CA VAL B 92 8.11 14.03 15.51
C VAL B 92 6.70 13.45 15.40
N LYS B 93 5.82 13.86 16.30
CA LYS B 93 4.43 13.41 16.34
C LYS B 93 3.70 13.70 15.02
N ASP B 94 3.85 14.93 14.52
CA ASP B 94 3.29 15.29 13.22
C ASP B 94 3.92 14.49 12.08
N ARG B 95 5.24 14.37 12.09
CA ARG B 95 5.94 13.68 11.01
C ARG B 95 5.49 12.23 10.88
N ILE B 96 5.38 11.51 12.00
CA ILE B 96 5.07 10.08 11.93
C ILE B 96 3.58 9.79 11.74
N SER B 97 2.76 10.83 11.66
CA SER B 97 1.35 10.63 11.34
C SER B 97 1.13 10.53 9.84
N LYS B 98 2.17 10.74 9.05
CA LYS B 98 2.05 10.75 7.59
C LYS B 98 2.00 9.33 7.04
N ASN B 99 1.45 9.17 5.85
CA ASN B 99 1.30 7.85 5.23
C ASN B 99 2.61 7.08 5.04
N ASP B 100 3.72 7.77 4.78
CA ASP B 100 4.96 7.03 4.59
C ASP B 100 5.47 6.44 5.91
N CYS B 101 4.77 6.70 7.01
CA CYS B 101 5.15 6.11 8.29
C CYS B 101 4.23 4.99 8.78
N ASN B 102 3.21 4.66 7.99
CA ASN B 102 2.29 3.57 8.34
C ASN B 102 3.02 2.22 8.59
N ASN B 103 4.10 1.98 7.85
CA ASN B 103 4.81 0.71 8.01
C ASN B 103 5.93 0.80 9.08
N GLY B 104 6.08 1.96 9.72
CA GLY B 104 7.13 2.11 10.70
C GLY B 104 8.13 3.17 10.27
N PHE B 105 9.18 3.36 11.07
CA PHE B 105 10.12 4.42 10.78
C PHE B 105 11.40 4.19 11.56
N LEU B 106 12.40 4.97 11.19
CA LEU B 106 13.69 4.92 11.85
C LEU B 106 13.99 6.35 12.27
N LEU B 107 14.19 6.55 13.56
CA LEU B 107 14.44 7.87 14.09
C LEU B 107 15.94 8.08 14.14
N ASP B 108 16.36 9.24 13.64
CA ASP B 108 17.79 9.51 13.45
C ASP B 108 18.10 10.90 13.96
N GLY B 109 18.68 10.99 15.16
CA GLY B 109 18.93 12.28 15.79
C GLY B 109 17.96 12.64 16.91
N VAL B 110 16.92 11.82 17.09
CA VAL B 110 15.97 11.98 18.20
C VAL B 110 15.59 10.58 18.68
N PRO B 111 15.36 10.38 20.00
CA PRO B 111 15.58 11.29 21.14
C PRO B 111 17.07 11.37 21.43
N ARG B 112 17.56 12.55 21.82
CA ARG B 112 18.96 12.69 22.21
C ARG B 112 19.09 12.82 23.71
N THR B 113 17.97 13.13 24.35
CA THR B 113 17.94 13.38 25.80
C THR B 113 16.90 12.50 26.46
N ILE B 114 16.99 12.33 27.78
CA ILE B 114 15.97 11.57 28.51
C ILE B 114 14.57 12.21 28.39
N PRO B 115 14.45 13.55 28.58
CA PRO B 115 13.12 14.13 28.41
C PRO B 115 12.54 13.91 27.03
N GLN B 116 13.36 13.88 25.97
CA GLN B 116 12.83 13.51 24.66
C GLN B 116 12.33 12.07 24.64
N ALA B 117 13.06 11.17 25.28
CA ALA B 117 12.65 9.78 25.29
C ALA B 117 11.39 9.61 26.14
N GLN B 118 11.29 10.38 27.23
CA GLN B 118 10.11 10.31 28.08
C GLN B 118 8.92 10.86 27.33
N GLU B 119 9.13 11.95 26.60
CA GLU B 119 8.04 12.62 25.89
C GLU B 119 7.59 11.67 24.79
N LEU B 120 8.57 11.03 24.16
CA LEU B 120 8.31 10.09 23.09
C LEU B 120 7.43 8.95 23.63
N ASP B 121 7.76 8.46 24.82
CA ASP B 121 6.99 7.43 25.51
C ASP B 121 5.56 7.86 25.90
N LYS B 122 5.38 9.09 26.39
CA LYS B 122 4.05 9.58 26.73
C LYS B 122 3.15 9.58 25.50
N LEU B 123 3.75 9.85 24.33
CA LEU B 123 3.03 9.87 23.08
C LEU B 123 2.52 8.48 22.67
N GLY B 124 3.08 7.42 23.27
CA GLY B 124 2.62 6.08 22.99
C GLY B 124 3.42 5.40 21.89
N VAL B 125 4.48 6.08 21.44
CA VAL B 125 5.37 5.48 20.46
C VAL B 125 6.14 4.30 21.05
N ASN B 126 5.92 3.12 20.48
CA ASN B 126 6.67 1.91 20.87
C ASN B 126 7.88 1.71 19.96
N ILE B 127 9.07 1.65 20.54
CA ILE B 127 10.29 1.49 19.78
C ILE B 127 10.70 0.02 19.87
N ASP B 128 10.89 -0.63 18.72
CA ASP B 128 11.21 -2.07 18.71
C ASP B 128 12.71 -2.30 18.90
N TYR B 129 13.52 -1.45 18.26
CA TYR B 129 14.98 -1.64 18.30
C TYR B 129 15.71 -0.35 18.49
N ILE B 130 16.83 -0.43 19.20
CA ILE B 130 17.79 0.66 19.20
C ILE B 130 19.00 0.10 18.45
N VAL B 131 19.40 0.76 17.37
CA VAL B 131 20.55 0.27 16.63
C VAL B 131 21.71 1.25 16.75
N GLU B 132 22.80 0.83 17.40
CA GLU B 132 23.98 1.71 17.54
C GLU B 132 25.08 1.27 16.58
N VAL B 133 25.43 2.16 15.67
CA VAL B 133 26.54 1.87 14.76
C VAL B 133 27.82 2.34 15.45
N ASP B 134 28.58 1.38 15.98
CA ASP B 134 29.77 1.68 16.81
C ASP B 134 31.08 1.65 16.01
N VAL B 135 31.83 2.75 16.05
CA VAL B 135 33.14 2.84 15.41
C VAL B 135 34.13 3.45 16.40
N ALA B 136 35.34 2.91 16.49
CA ALA B 136 36.38 3.45 17.38
C ALA B 136 36.57 4.96 17.25
N ASP B 137 36.75 5.62 18.39
CA ASP B 137 36.97 7.07 18.43
C ASP B 137 38.09 7.56 17.52
N ASN B 138 39.22 6.86 17.50
CA ASN B 138 40.34 7.25 16.63
C ASN B 138 39.95 7.35 15.16
N LEU B 139 39.14 6.40 14.70
CA LEU B 139 38.65 6.39 13.33
C LEU B 139 37.61 7.50 13.10
N LEU B 140 36.74 7.74 14.07
CA LEU B 140 35.71 8.79 13.96
C LEU B 140 36.38 10.14 13.81
N ILE B 141 37.28 10.45 14.74
CA ILE B 141 38.01 11.72 14.72
C ILE B 141 38.71 11.98 13.38
N GLU B 142 39.48 11.00 12.92
CA GLU B 142 40.12 11.03 11.59
C GLU B 142 39.14 11.31 10.45
N ARG B 143 37.96 10.68 10.50
CA ARG B 143 36.99 10.84 9.42
C ARG B 143 36.49 12.27 9.32
N ILE B 144 36.39 12.96 10.46
CA ILE B 144 35.94 14.35 10.44
C ILE B 144 37.10 15.33 10.21
N THR B 145 38.17 15.24 11.01
CA THR B 145 39.24 16.24 10.98
C THR B 145 39.94 16.39 9.62
N GLY B 146 39.95 15.32 8.83
CA GLY B 146 40.59 15.34 7.53
C GLY B 146 39.73 15.89 6.41
N ARG B 147 38.55 16.43 6.76
CA ARG B 147 37.68 17.06 5.76
C ARG B 147 38.19 18.43 5.35
N ARG B 148 38.16 18.69 4.05
CA ARG B 148 38.54 19.98 3.52
C ARG B 148 37.50 20.34 2.48
N ILE B 149 37.26 21.63 2.28
CA ILE B 149 36.31 22.08 1.28
C ILE B 149 36.87 23.26 0.50
N HIS B 150 36.52 23.36 -0.78
CA HIS B 150 36.72 24.57 -1.56
C HIS B 150 35.42 25.35 -1.55
N PRO B 151 35.38 26.44 -0.78
CA PRO B 151 34.17 27.22 -0.47
C PRO B 151 33.42 27.72 -1.72
N ALA B 152 34.13 28.35 -2.65
CA ALA B 152 33.48 28.94 -3.82
C ALA B 152 32.66 27.94 -4.66
N SER B 153 33.12 26.71 -4.72
CA SER B 153 32.44 25.66 -5.49
C SER B 153 31.67 24.71 -4.60
N GLY B 154 32.19 24.47 -3.39
CA GLY B 154 31.60 23.46 -2.53
C GLY B 154 32.26 22.11 -2.71
N ARG B 155 33.22 22.03 -3.63
CA ARG B 155 33.99 20.80 -3.81
C ARG B 155 34.64 20.39 -2.49
N THR B 156 34.45 19.13 -2.10
CA THR B 156 35.00 18.62 -0.86
C THR B 156 36.04 17.52 -1.07
N TYR B 157 36.97 17.41 -0.12
CA TYR B 157 38.04 16.44 -0.19
C TYR B 157 38.29 15.88 1.20
N HIS B 158 39.07 14.81 1.26
CA HIS B 158 39.48 14.26 2.54
C HIS B 158 40.96 13.92 2.54
N THR B 159 41.68 14.50 3.50
CA THR B 159 43.13 14.35 3.61
C THR B 159 43.62 12.89 3.45
N LYS B 160 42.78 11.95 3.88
CA LYS B 160 43.10 10.53 3.70
C LYS B 160 42.21 9.83 2.67
N PHE B 161 40.89 9.95 2.83
CA PHE B 161 39.95 9.16 2.03
C PHE B 161 39.71 9.67 0.61
N ASN B 162 40.03 10.93 0.36
CA ASN B 162 39.91 11.51 -0.97
C ASN B 162 40.74 12.80 -1.04
N PRO B 163 42.06 12.65 -1.14
CA PRO B 163 42.98 13.79 -1.03
C PRO B 163 42.92 14.66 -2.28
N PRO B 164 43.32 15.93 -2.15
CA PRO B 164 43.47 16.79 -3.32
C PRO B 164 44.83 16.51 -3.98
N LYS B 165 44.96 16.84 -5.26
CA LYS B 165 46.20 16.53 -5.98
C LYS B 165 47.39 17.34 -5.44
N VAL B 166 47.09 18.51 -4.89
CA VAL B 166 48.11 19.32 -4.20
C VAL B 166 47.54 19.79 -2.85
N ALA B 167 48.28 19.54 -1.77
CA ALA B 167 47.87 19.87 -0.41
C ALA B 167 47.29 21.28 -0.25
N ASP B 168 46.10 21.35 0.34
CA ASP B 168 45.40 22.63 0.60
C ASP B 168 45.01 23.39 -0.67
N LYS B 169 44.99 22.69 -1.81
CA LYS B 169 44.60 23.33 -3.06
C LYS B 169 43.49 22.58 -3.80
N ASP B 170 42.51 23.32 -4.30
CA ASP B 170 41.43 22.76 -5.14
C ASP B 170 41.99 22.26 -6.48
N ASP B 171 41.69 21.01 -6.81
CA ASP B 171 42.11 20.40 -8.07
C ASP B 171 41.75 21.25 -9.29
N VAL B 172 40.49 21.67 -9.37
CA VAL B 172 39.93 22.32 -10.56
C VAL B 172 40.42 23.76 -10.79
N THR B 173 40.40 24.57 -9.73
CA THR B 173 40.79 25.98 -9.84
C THR B 173 42.18 26.28 -9.29
N GLY B 174 42.53 25.70 -8.14
CA GLY B 174 43.81 25.97 -7.53
C GLY B 174 43.73 26.91 -6.34
N GLU B 175 42.54 27.45 -6.10
CA GLU B 175 42.28 28.29 -4.94
C GLU B 175 42.50 27.49 -3.64
N PRO B 176 42.65 28.19 -2.51
CA PRO B 176 42.91 27.37 -1.31
C PRO B 176 41.69 26.61 -0.78
N LEU B 177 41.97 25.49 -0.11
CA LEU B 177 40.99 24.72 0.63
C LEU B 177 41.03 25.15 2.09
N ILE B 178 39.90 25.00 2.77
CA ILE B 178 39.84 25.30 4.20
C ILE B 178 39.29 24.11 4.96
N THR B 179 39.48 24.14 6.28
CA THR B 179 38.79 23.21 7.15
C THR B 179 37.62 23.98 7.75
N ARG B 180 36.44 23.38 7.73
CA ARG B 180 35.29 23.98 8.38
C ARG B 180 35.60 24.12 9.87
N THR B 181 35.08 25.17 10.48
CA THR B 181 35.45 25.52 11.85
C THR B 181 35.13 24.41 12.86
N ASP B 182 33.96 23.78 12.73
CA ASP B 182 33.57 22.70 13.65
C ASP B 182 34.27 21.38 13.34
N ASP B 183 35.05 21.34 12.25
CA ASP B 183 35.83 20.16 11.91
C ASP B 183 37.22 20.17 12.56
N ASN B 184 37.46 21.13 13.46
CA ASN B 184 38.71 21.12 14.21
C ASN B 184 38.71 20.06 15.32
N GLU B 185 39.89 19.47 15.54
CA GLU B 185 40.07 18.38 16.49
C GLU B 185 39.53 18.64 17.91
N ASP B 186 39.73 19.84 18.44
CA ASP B 186 39.23 20.16 19.77
C ASP B 186 37.70 20.01 19.82
N THR B 187 37.02 20.56 18.82
CA THR B 187 35.57 20.49 18.73
C THR B 187 35.09 19.07 18.44
N VAL B 188 35.84 18.37 17.59
CA VAL B 188 35.46 17.01 17.23
C VAL B 188 35.46 16.09 18.45
N LYS B 189 36.53 16.17 19.24
CA LYS B 189 36.61 15.42 20.50
C LYS B 189 35.46 15.76 21.44
N GLN B 190 35.19 17.05 21.62
CA GLN B 190 34.13 17.54 22.51
C GLN B 190 32.76 17.00 22.12
N ARG B 191 32.46 17.02 20.83
CA ARG B 191 31.22 16.45 20.31
CA ARG B 191 31.21 16.46 20.34
C ARG B 191 31.19 14.95 20.54
N LEU B 192 32.36 14.31 20.43
CA LEU B 192 32.44 12.87 20.59
C LEU B 192 32.10 12.52 22.02
N SER B 193 32.72 13.25 22.95
CA SER B 193 32.50 13.06 24.38
C SER B 193 31.02 13.26 24.77
N VAL B 194 30.40 14.30 24.20
CA VAL B 194 28.97 14.54 24.45
C VAL B 194 28.14 13.38 23.92
N TYR B 195 28.35 13.01 22.66
CA TYR B 195 27.59 11.91 22.08
C TYR B 195 27.65 10.65 22.95
N HIS B 196 28.86 10.27 23.36
CA HIS B 196 29.03 9.04 24.12
C HIS B 196 28.30 9.13 25.45
N ALA B 197 28.35 10.30 26.07
CA ALA B 197 27.70 10.50 27.37
C ALA B 197 26.19 10.44 27.24
N GLN B 198 25.64 11.20 26.29
CA GLN B 198 24.21 11.19 26.04
C GLN B 198 23.72 9.79 25.65
N THR B 199 24.45 9.14 24.77
CA THR B 199 24.16 7.77 24.35
C THR B 199 24.15 6.78 25.53
N ALA B 200 25.12 6.87 26.43
CA ALA B 200 25.13 6.00 27.61
C ALA B 200 23.83 6.18 28.40
N LYS B 201 23.48 7.44 28.66
CA LYS B 201 22.26 7.78 29.39
C LYS B 201 21.03 7.18 28.71
N LEU B 202 20.95 7.35 27.40
CA LEU B 202 19.86 6.81 26.60
C LEU B 202 19.74 5.29 26.70
N ILE B 203 20.85 4.59 26.46
CA ILE B 203 20.87 3.13 26.56
C ILE B 203 20.37 2.75 27.95
N ASP B 204 20.92 3.42 28.96
CA ASP B 204 20.57 3.12 30.36
C ASP B 204 19.07 3.27 30.57
N PHE B 205 18.50 4.36 30.07
CA PHE B 205 17.09 4.66 30.20
C PHE B 205 16.27 3.52 29.62
N TYR B 206 16.61 3.10 28.42
CA TYR B 206 15.86 2.06 27.74
C TYR B 206 16.10 0.64 28.27
N ARG B 207 17.26 0.42 28.88
CA ARG B 207 17.54 -0.86 29.52
C ARG B 207 16.72 -1.02 30.79
N ASN B 208 16.68 0.05 31.59
CA ASN B 208 15.93 0.05 32.84
C ASN B 208 14.47 0.45 32.63
N PHE B 209 14.01 0.32 31.39
CA PHE B 209 12.69 0.79 31.01
C PHE B 209 11.61 0.12 31.85
N SER B 210 10.96 0.92 32.68
CA SER B 210 9.89 0.45 33.54
C SER B 210 8.58 1.16 33.22
N SER B 211 8.37 1.44 31.93
CA SER B 211 7.20 2.17 31.46
C SER B 211 5.94 1.31 31.32
N THR B 212 4.79 1.93 31.60
CA THR B 212 3.48 1.29 31.50
C THR B 212 2.87 1.45 30.10
N ASN B 213 3.29 2.49 29.39
CA ASN B 213 2.67 2.87 28.13
C ASN B 213 3.37 2.34 26.88
N THR B 214 4.68 2.17 26.95
CA THR B 214 5.41 1.61 25.82
C THR B 214 6.34 0.45 26.21
N LYS B 215 6.83 -0.27 25.20
CA LYS B 215 7.55 -1.54 25.36
C LYS B 215 9.04 -1.34 25.59
N ILE B 216 9.73 -2.40 25.99
CA ILE B 216 11.19 -2.35 26.16
C ILE B 216 11.92 -2.68 24.86
N PRO B 217 12.62 -1.69 24.27
CA PRO B 217 13.30 -1.88 22.98
C PRO B 217 14.45 -2.87 23.06
N LYS B 218 14.72 -3.54 21.94
CA LYS B 218 15.88 -4.42 21.87
C LYS B 218 17.10 -3.62 21.43
N TYR B 219 18.12 -3.58 22.28
CA TYR B 219 19.37 -2.87 22.01
C TYR B 219 20.29 -3.72 21.17
N ILE B 220 20.75 -3.18 20.05
CA ILE B 220 21.65 -3.85 19.12
C ILE B 220 22.90 -2.98 18.88
N LYS B 221 24.07 -3.49 19.25
CA LYS B 221 25.32 -2.78 18.96
C LYS B 221 26.02 -3.39 17.74
N ILE B 222 26.37 -2.53 16.79
CA ILE B 222 26.90 -2.97 15.51
C ILE B 222 28.33 -2.47 15.30
N ASN B 223 29.21 -3.37 14.87
CA ASN B 223 30.56 -3.02 14.45
C ASN B 223 30.48 -2.29 13.10
N GLY B 224 30.57 -0.96 13.13
CA GLY B 224 30.43 -0.15 11.92
C GLY B 224 31.76 -0.03 11.18
N ASP B 225 32.82 -0.57 11.75
CA ASP B 225 34.11 -0.55 11.08
C ASP B 225 34.27 -1.74 10.14
N GLN B 226 33.32 -1.92 9.23
CA GLN B 226 33.40 -2.98 8.23
C GLN B 226 32.94 -2.38 6.92
N ALA B 227 32.97 -3.15 5.85
CA ALA B 227 32.45 -2.67 4.57
C ALA B 227 30.95 -2.35 4.68
N VAL B 228 30.47 -1.41 3.87
CA VAL B 228 29.09 -0.91 4.02
C VAL B 228 28.10 -2.08 3.97
N GLU B 229 28.31 -2.95 2.99
CA GLU B 229 27.45 -4.11 2.76
C GLU B 229 27.51 -5.09 3.94
N LYS B 230 28.68 -5.26 4.52
CA LYS B 230 28.79 -6.13 5.70
C LYS B 230 28.11 -5.48 6.92
N VAL B 231 28.28 -4.16 7.10
CA VAL B 231 27.60 -3.48 8.21
C VAL B 231 26.08 -3.66 8.07
N SER B 232 25.57 -3.52 6.85
CA SER B 232 24.12 -3.65 6.64
C SER B 232 23.64 -5.06 6.98
N GLN B 233 24.40 -6.07 6.54
CA GLN B 233 23.99 -7.45 6.74
C GLN B 233 23.98 -7.84 8.22
N ASP B 234 24.96 -7.34 8.96
CA ASP B 234 24.97 -7.49 10.42
C ASP B 234 23.70 -6.89 11.04
N ILE B 235 23.30 -5.72 10.54
CA ILE B 235 22.12 -5.06 11.05
C ILE B 235 20.89 -5.90 10.73
N PHE B 236 20.76 -6.32 9.47
CA PHE B 236 19.65 -7.14 9.03
C PHE B 236 19.55 -8.39 9.92
N ASP B 237 20.70 -9.06 10.08
CA ASP B 237 20.83 -10.26 10.92
C ASP B 237 20.19 -10.05 12.28
N GLN B 238 20.50 -8.92 12.92
CA GLN B 238 19.94 -8.65 14.26
C GLN B 238 18.48 -8.26 14.19
N LEU B 239 18.11 -7.44 13.21
CA LEU B 239 16.72 -7.03 13.08
C LEU B 239 15.81 -8.24 12.80
N ASN B 240 16.33 -9.20 12.04
CA ASN B 240 15.53 -10.34 11.57
C ASN B 240 15.38 -11.47 12.58
N LYS B 241 16.05 -11.36 13.72
CA LYS B 241 15.98 -12.41 14.74
C LYS B 241 14.56 -12.49 15.31
N ARG B 242 14.12 -13.71 15.65
CA ARG B 242 12.80 -13.91 16.19
C ARG B 242 12.76 -13.75 17.71
N ASN C 23 -42.70 -2.68 0.53
CA ASN C 23 -42.02 -2.52 1.81
C ASN C 23 -40.61 -3.13 1.86
N ALA C 24 -39.62 -2.30 2.18
CA ALA C 24 -38.24 -2.78 2.32
C ALA C 24 -38.18 -3.77 3.48
N ARG C 26 -35.57 -5.37 6.15
CA ARG C 26 -34.26 -5.10 6.75
C ARG C 26 -34.06 -6.12 7.88
N ILE C 27 -33.04 -6.95 7.72
CA ILE C 27 -32.89 -8.12 8.59
C ILE C 27 -31.51 -8.15 9.26
N ILE C 28 -31.46 -8.51 10.55
CA ILE C 28 -30.20 -8.96 11.14
C ILE C 28 -30.20 -10.49 11.19
N LEU C 29 -29.20 -11.10 10.55
CA LEU C 29 -29.09 -12.55 10.56
C LEU C 29 -28.07 -13.00 11.60
N LEU C 30 -28.50 -13.91 12.48
CA LEU C 30 -27.61 -14.45 13.50
C LEU C 30 -27.40 -15.95 13.30
N GLY C 31 -26.19 -16.41 13.61
CA GLY C 31 -25.89 -17.83 13.56
C GLY C 31 -24.45 -18.09 13.95
N ALA C 32 -24.22 -19.17 14.68
CA ALA C 32 -22.87 -19.57 15.09
C ALA C 32 -22.04 -20.08 13.90
N PRO C 33 -20.69 -20.07 14.04
CA PRO C 33 -19.86 -20.74 13.03
C PRO C 33 -20.34 -22.17 12.79
N GLY C 34 -20.54 -22.53 11.53
CA GLY C 34 -20.93 -23.89 11.18
C GLY C 34 -22.43 -24.10 11.11
N ALA C 35 -23.20 -23.04 11.32
CA ALA C 35 -24.67 -23.11 11.36
C ALA C 35 -25.29 -23.08 9.96
N GLY C 36 -24.45 -22.84 8.95
CA GLY C 36 -24.95 -22.70 7.59
C GLY C 36 -25.72 -21.42 7.33
N LYS C 37 -25.53 -20.39 8.15
CA LYS C 37 -26.28 -19.15 7.92
C LYS C 37 -25.89 -18.50 6.59
N GLY C 38 -24.69 -18.83 6.09
CA GLY C 38 -24.21 -18.27 4.84
C GLY C 38 -25.05 -18.70 3.66
N THR C 39 -25.27 -20.01 3.56
CA THR C 39 -26.20 -20.60 2.59
C THR C 39 -27.59 -19.94 2.61
N GLN C 40 -28.17 -19.79 3.80
CA GLN C 40 -29.48 -19.14 3.92
C GLN C 40 -29.47 -17.64 3.57
N ALA C 41 -28.36 -16.93 3.86
CA ALA C 41 -28.27 -15.51 3.52
C ALA C 41 -28.44 -15.32 2.00
N LYS C 42 -27.74 -16.15 1.25
CA LYS C 42 -27.80 -16.05 -0.19
C LYS C 42 -29.19 -16.44 -0.71
N ILE C 43 -29.80 -17.45 -0.10
CA ILE C 43 -31.15 -17.87 -0.50
C ILE C 43 -32.16 -16.76 -0.21
N ILE C 44 -32.04 -16.12 0.94
CA ILE C 44 -32.95 -15.02 1.26
C ILE C 44 -32.70 -13.87 0.29
N GLU C 45 -31.42 -13.60 0.01
CA GLU C 45 -31.05 -12.52 -0.87
C GLU C 45 -31.71 -12.71 -2.22
N GLN C 46 -31.65 -13.92 -2.77
CA GLN C 46 -32.17 -14.20 -4.10
C GLN C 46 -33.69 -14.18 -4.15
N LYS C 47 -34.32 -14.61 -3.07
CA LYS C 47 -35.79 -14.65 -3.04
C LYS C 47 -36.38 -13.24 -2.87
N TYR C 48 -35.84 -12.48 -1.91
CA TYR C 48 -36.42 -11.19 -1.58
C TYR C 48 -35.80 -9.99 -2.32
N ASN C 49 -34.78 -10.24 -3.14
CA ASN C 49 -34.07 -9.15 -3.82
C ASN C 49 -33.62 -8.07 -2.83
N ILE C 50 -32.81 -8.48 -1.85
CA ILE C 50 -32.22 -7.54 -0.88
C ILE C 50 -30.72 -7.80 -0.83
N ALA C 51 -29.94 -6.84 -0.37
CA ALA C 51 -28.48 -7.03 -0.35
C ALA C 51 -27.99 -7.87 0.85
N HIS C 52 -27.23 -8.92 0.59
CA HIS C 52 -26.57 -9.67 1.66
C HIS C 52 -25.33 -8.89 2.04
N ILE C 53 -25.34 -8.34 3.25
CA ILE C 53 -24.17 -7.60 3.70
C ILE C 53 -23.37 -8.39 4.72
N SER C 54 -22.33 -9.07 4.23
CA SER C 54 -21.38 -9.78 5.07
C SER C 54 -20.21 -8.87 5.47
N THR C 55 -19.91 -8.86 6.77
CA THR C 55 -18.86 -8.04 7.37
C THR C 55 -17.51 -8.08 6.66
N GLY C 56 -16.96 -9.29 6.50
CA GLY C 56 -15.71 -9.49 5.82
C GLY C 56 -15.68 -8.88 4.44
N ASP C 57 -16.72 -9.11 3.64
CA ASP C 57 -16.76 -8.59 2.28
C ASP C 57 -16.84 -7.08 2.25
N ILE C 59 -15.80 -4.91 4.54
CA ILE C 59 -14.48 -4.39 4.93
C ILE C 59 -13.53 -4.41 3.74
N ARG C 60 -13.42 -5.55 3.08
CA ARG C 60 -12.52 -5.70 1.94
C ARG C 60 -12.89 -4.76 0.80
N GLU C 61 -14.17 -4.70 0.46
CA GLU C 61 -14.63 -3.80 -0.59
C GLU C 61 -14.35 -2.33 -0.22
N THR C 62 -14.58 -1.96 1.03
CA THR C 62 -14.36 -0.58 1.45
C THR C 62 -12.90 -0.15 1.28
N ILE C 63 -11.98 -0.97 1.78
CA ILE C 63 -10.53 -0.72 1.64
C ILE C 63 -10.17 -0.43 0.20
N LYS C 64 -10.74 -1.24 -0.70
CA LYS C 64 -10.42 -1.18 -2.11
C LYS C 64 -11.09 -0.02 -2.84
N SER C 65 -12.15 0.54 -2.26
CA SER C 65 -13.03 1.45 -3.00
C SER C 65 -12.36 2.73 -3.48
N GLY C 66 -11.41 3.25 -2.72
CA GLY C 66 -10.80 4.53 -3.04
C GLY C 66 -11.66 5.69 -2.55
N SER C 67 -12.76 5.35 -1.88
CA SER C 67 -13.67 6.36 -1.32
C SER C 67 -13.03 7.11 -0.14
N ALA C 68 -13.66 8.22 0.25
CA ALA C 68 -13.23 8.94 1.44
C ALA C 68 -13.24 8.01 2.66
N LEU C 69 -14.34 7.28 2.84
CA LEU C 69 -14.43 6.27 3.89
C LEU C 69 -13.38 5.16 3.73
N GLY C 70 -13.18 4.71 2.49
CA GLY C 70 -12.22 3.65 2.23
C GLY C 70 -10.82 4.11 2.59
N GLN C 71 -10.49 5.35 2.24
CA GLN C 71 -9.19 5.90 2.59
C GLN C 71 -9.00 5.94 4.10
N GLU C 72 -10.03 6.37 4.82
CA GLU C 72 -9.98 6.40 6.28
C GLU C 72 -9.75 4.99 6.86
N LEU C 73 -10.52 4.03 6.37
CA LEU C 73 -10.39 2.65 6.81
C LEU C 73 -9.00 2.09 6.51
N LYS C 74 -8.56 2.25 5.26
CA LYS C 74 -7.24 1.79 4.86
C LYS C 74 -6.14 2.43 5.71
N LYS C 75 -6.34 3.67 6.13
CA LYS C 75 -5.34 4.34 6.97
C LYS C 75 -5.27 3.67 8.35
N VAL C 76 -6.43 3.47 8.96
CA VAL C 76 -6.54 2.79 10.25
C VAL C 76 -5.88 1.40 10.20
N LEU C 77 -6.20 0.58 9.20
CA LEU C 77 -5.64 -0.77 9.14
C LEU C 77 -4.14 -0.81 8.78
N ASP C 78 -3.72 -0.06 7.76
CA ASP C 78 -2.30 0.02 7.38
C ASP C 78 -1.39 0.50 8.52
N ALA C 79 -1.94 1.29 9.43
CA ALA C 79 -1.17 1.80 10.56
C ALA C 79 -1.26 0.85 11.77
N GLY C 80 -2.08 -0.20 11.65
CA GLY C 80 -2.23 -1.18 12.72
C GLY C 80 -3.04 -0.66 13.89
N GLU C 81 -4.01 0.20 13.60
CA GLU C 81 -4.91 0.67 14.64
C GLU C 81 -6.19 -0.16 14.52
N LEU C 82 -7.05 -0.11 15.54
CA LEU C 82 -8.24 -0.95 15.52
C LEU C 82 -9.49 -0.22 15.03
N VAL C 83 -10.43 -1.00 14.50
CA VAL C 83 -11.72 -0.48 14.09
C VAL C 83 -12.71 -0.49 15.27
N SER C 84 -13.12 0.69 15.68
CA SER C 84 -14.06 0.81 16.80
C SER C 84 -15.44 0.32 16.38
N ASP C 85 -16.24 -0.05 17.39
CA ASP C 85 -17.66 -0.39 17.18
C ASP C 85 -18.36 0.71 16.38
N GLU C 86 -18.05 1.97 16.69
CA GLU C 86 -18.64 3.11 16.02
C GLU C 86 -18.26 3.16 14.54
N PHE C 87 -16.96 3.06 14.26
CA PHE C 87 -16.48 3.14 12.90
C PHE C 87 -17.11 2.04 12.02
N ILE C 88 -17.19 0.81 12.52
CA ILE C 88 -17.74 -0.27 11.70
C ILE C 88 -19.22 0.02 11.32
N ILE C 89 -19.95 0.58 12.27
CA ILE C 89 -21.34 0.95 12.02
C ILE C 89 -21.40 2.14 11.07
N LYS C 90 -20.42 3.04 11.17
CA LYS C 90 -20.38 4.14 10.22
C LYS C 90 -20.23 3.59 8.80
N ILE C 91 -19.44 2.55 8.67
CA ILE C 91 -19.24 1.90 7.40
C ILE C 91 -20.52 1.19 6.92
N VAL C 92 -21.21 0.51 7.83
CA VAL C 92 -22.48 -0.14 7.49
C VAL C 92 -23.50 0.88 6.98
N LYS C 93 -23.59 2.02 7.67
CA LYS C 93 -24.53 3.07 7.29
C LYS C 93 -24.28 3.51 5.84
N ASP C 94 -23.01 3.72 5.51
CA ASP C 94 -22.64 4.08 4.14
C ASP C 94 -22.96 2.96 3.16
N ARG C 95 -22.71 1.71 3.57
CA ARG C 95 -22.99 0.58 2.71
C ARG C 95 -24.47 0.48 2.31
N ILE C 96 -25.36 0.66 3.27
CA ILE C 96 -26.79 0.47 3.01
C ILE C 96 -27.43 1.72 2.40
N SER C 97 -26.62 2.74 2.17
CA SER C 97 -27.12 3.88 1.42
C SER C 97 -27.02 3.61 -0.08
N LYS C 98 -26.46 2.46 -0.46
CA LYS C 98 -26.16 2.20 -1.88
C LYS C 98 -27.39 1.66 -2.62
N ASN C 99 -27.39 1.77 -3.94
CA ASN C 99 -28.59 1.44 -4.71
C ASN C 99 -29.11 0.00 -4.53
N ASP C 100 -28.22 -0.96 -4.24
CA ASP C 100 -28.68 -2.35 -4.10
C ASP C 100 -29.37 -2.64 -2.77
N CYS C 101 -29.49 -1.62 -1.91
CA CYS C 101 -30.12 -1.77 -0.61
C CYS C 101 -31.44 -1.04 -0.54
N ASN C 102 -31.88 -0.47 -1.66
CA ASN C 102 -33.17 0.24 -1.70
C ASN C 102 -34.35 -0.63 -1.32
N ASN C 103 -34.27 -1.93 -1.66
CA ASN C 103 -35.32 -2.87 -1.27
C ASN C 103 -35.09 -3.46 0.12
N GLY C 104 -33.97 -3.11 0.75
CA GLY C 104 -33.65 -3.65 2.06
C GLY C 104 -32.34 -4.42 2.04
N PHE C 105 -32.03 -5.10 3.14
CA PHE C 105 -30.70 -5.67 3.26
C PHE C 105 -30.69 -6.67 4.38
N LEU C 106 -29.68 -7.53 4.39
CA LEU C 106 -29.51 -8.55 5.40
C LEU C 106 -28.10 -8.33 5.97
N LEU C 107 -28.03 -7.97 7.25
CA LEU C 107 -26.75 -7.74 7.94
C LEU C 107 -26.26 -9.05 8.54
N ASP C 108 -25.06 -9.44 8.15
CA ASP C 108 -24.51 -10.74 8.51
C ASP C 108 -23.11 -10.55 9.09
N GLY C 109 -23.01 -10.53 10.42
CA GLY C 109 -21.71 -10.30 11.07
C GLY C 109 -21.75 -9.06 11.95
N VAL C 110 -22.80 -8.25 11.78
CA VAL C 110 -23.01 -7.04 12.57
C VAL C 110 -24.52 -6.92 12.86
N PRO C 111 -24.92 -6.42 14.05
CA PRO C 111 -24.07 -6.10 15.21
C PRO C 111 -23.67 -7.37 15.92
N ARG C 112 -22.45 -7.44 16.43
CA ARG C 112 -22.03 -8.56 17.25
C ARG C 112 -21.97 -8.16 18.72
N THR C 113 -21.95 -6.85 18.99
CA THR C 113 -21.85 -6.36 20.37
C THR C 113 -22.99 -5.40 20.68
N ILE C 114 -23.23 -5.19 21.97
CA ILE C 114 -24.20 -4.19 22.40
C ILE C 114 -23.88 -2.76 21.86
N PRO C 115 -22.62 -2.30 22.01
CA PRO C 115 -22.36 -0.95 21.51
C PRO C 115 -22.56 -0.85 20.00
N GLN C 116 -22.32 -1.92 19.24
CA GLN C 116 -22.67 -1.91 17.83
C GLN C 116 -24.18 -1.69 17.63
N ALA C 117 -25.00 -2.44 18.38
CA ALA C 117 -26.44 -2.30 18.22
C ALA C 117 -26.91 -0.91 18.66
N GLN C 118 -26.25 -0.36 19.68
CA GLN C 118 -26.63 0.99 20.15
C GLN C 118 -26.29 2.05 19.11
N GLU C 119 -25.18 1.87 18.40
CA GLU C 119 -24.77 2.82 17.38
C GLU C 119 -25.66 2.72 16.13
N LEU C 120 -26.11 1.51 15.79
CA LEU C 120 -27.08 1.37 14.69
C LEU C 120 -28.36 2.16 15.02
N ASP C 121 -28.79 2.05 16.28
CA ASP C 121 -29.99 2.74 16.73
C ASP C 121 -29.72 4.24 16.69
N LYS C 122 -28.54 4.64 17.16
CA LYS C 122 -28.17 6.04 17.16
C LYS C 122 -28.18 6.64 15.76
N LEU C 123 -27.66 5.91 14.78
CA LEU C 123 -27.63 6.38 13.40
C LEU C 123 -28.98 6.21 12.68
N GLY C 124 -29.98 5.70 13.38
CA GLY C 124 -31.32 5.62 12.84
C GLY C 124 -31.49 4.51 11.83
N VAL C 125 -30.73 3.43 12.03
CA VAL C 125 -30.84 2.27 11.16
C VAL C 125 -31.89 1.30 11.67
N ASN C 126 -33.03 1.26 10.96
CA ASN C 126 -34.15 0.43 11.34
C ASN C 126 -33.98 -1.04 10.92
N ILE C 127 -34.35 -1.95 11.81
CA ILE C 127 -34.29 -3.39 11.53
C ILE C 127 -35.65 -4.02 11.70
N ASP C 128 -36.18 -4.66 10.67
CA ASP C 128 -37.51 -5.27 10.75
C ASP C 128 -37.48 -6.62 11.48
N TYR C 129 -36.44 -7.41 11.23
CA TYR C 129 -36.42 -8.79 11.70
C TYR C 129 -35.03 -9.19 12.18
N ILE C 130 -34.99 -9.98 13.25
CA ILE C 130 -33.74 -10.66 13.64
C ILE C 130 -34.02 -12.15 13.44
N VAL C 131 -33.28 -12.78 12.54
CA VAL C 131 -33.45 -14.21 12.26
C VAL C 131 -32.25 -14.96 12.84
N GLU C 132 -32.50 -15.85 13.79
CA GLU C 132 -31.42 -16.62 14.37
C GLU C 132 -31.50 -18.04 13.84
N VAL C 133 -30.44 -18.49 13.18
CA VAL C 133 -30.37 -19.88 12.72
C VAL C 133 -29.72 -20.73 13.83
N ASP C 134 -30.55 -21.49 14.52
CA ASP C 134 -30.14 -22.27 15.69
C ASP C 134 -29.80 -23.72 15.32
N VAL C 135 -28.60 -24.15 15.69
CA VAL C 135 -28.13 -25.50 15.44
C VAL C 135 -27.42 -26.00 16.70
N ALA C 136 -27.66 -27.26 17.08
CA ALA C 136 -27.04 -27.86 18.25
C ALA C 136 -25.50 -27.73 18.29
N ASP C 137 -24.93 -27.65 19.48
CA ASP C 137 -23.50 -27.41 19.68
C ASP C 137 -22.62 -28.55 19.18
N ASN C 138 -23.12 -29.78 19.28
CA ASN C 138 -22.38 -30.91 18.73
C ASN C 138 -22.24 -30.78 17.21
N LEU C 139 -23.28 -30.32 16.54
CA LEU C 139 -23.24 -30.21 15.08
C LEU C 139 -22.39 -29.04 14.60
N LEU C 140 -22.49 -27.90 15.29
CA LEU C 140 -21.67 -26.73 14.99
C LEU C 140 -20.18 -27.05 15.08
N ILE C 141 -19.79 -27.75 16.15
CA ILE C 141 -18.40 -28.10 16.37
C ILE C 141 -17.90 -29.08 15.32
N GLU C 142 -18.67 -30.15 15.08
CA GLU C 142 -18.37 -31.14 14.06
C GLU C 142 -18.10 -30.50 12.70
N ARG C 143 -18.91 -29.53 12.33
CA ARG C 143 -18.80 -28.90 11.01
C ARG C 143 -17.53 -28.05 10.85
N ILE C 144 -17.04 -27.49 11.95
CA ILE C 144 -15.81 -26.70 11.87
C ILE C 144 -14.55 -27.56 11.96
N THR C 145 -14.53 -28.48 12.94
CA THR C 145 -13.35 -29.33 13.16
C THR C 145 -13.12 -30.34 12.04
N GLY C 146 -14.11 -30.55 11.18
CA GLY C 146 -13.97 -31.51 10.10
C GLY C 146 -13.27 -30.95 8.87
N ARG C 147 -13.16 -29.63 8.79
CA ARG C 147 -12.52 -28.96 7.66
C ARG C 147 -11.06 -29.39 7.51
N ARG C 148 -10.64 -29.76 6.30
CA ARG C 148 -9.25 -30.10 6.01
C ARG C 148 -8.77 -29.29 4.82
N ILE C 149 -7.45 -29.13 4.68
CA ILE C 149 -6.89 -28.54 3.47
C ILE C 149 -5.60 -29.25 3.06
N HIS C 150 -5.38 -29.35 1.74
CA HIS C 150 -4.08 -29.76 1.20
C HIS C 150 -3.26 -28.48 1.11
N PRO C 151 -2.21 -28.35 1.94
CA PRO C 151 -1.48 -27.08 1.98
C PRO C 151 -0.98 -26.61 0.60
N ALA C 152 -0.30 -27.47 -0.16
CA ALA C 152 0.35 -27.03 -1.41
C ALA C 152 -0.63 -26.48 -2.47
N SER C 153 -1.76 -27.14 -2.63
CA SER C 153 -2.71 -26.79 -3.69
C SER C 153 -3.87 -25.94 -3.17
N GLY C 154 -4.05 -25.91 -1.85
CA GLY C 154 -5.21 -25.27 -1.26
C GLY C 154 -6.49 -26.04 -1.46
N ARG C 155 -6.42 -27.28 -1.94
CA ARG C 155 -7.63 -28.09 -2.09
C ARG C 155 -8.27 -28.38 -0.72
N THR C 156 -9.57 -28.19 -0.61
CA THR C 156 -10.29 -28.27 0.67
C THR C 156 -11.20 -29.50 0.75
N TYR C 157 -11.32 -30.07 1.94
CA TYR C 157 -12.17 -31.24 2.13
C TYR C 157 -12.88 -31.11 3.45
N HIS C 158 -13.91 -31.93 3.66
CA HIS C 158 -14.54 -31.98 4.98
C HIS C 158 -14.79 -33.42 5.44
N THR C 159 -14.32 -33.72 6.64
CA THR C 159 -14.30 -35.08 7.21
C THR C 159 -15.59 -35.91 7.06
N LYS C 160 -16.75 -35.24 7.08
CA LYS C 160 -18.02 -35.95 6.91
C LYS C 160 -18.84 -35.46 5.72
N PHE C 161 -18.67 -34.20 5.35
CA PHE C 161 -19.51 -33.59 4.32
C PHE C 161 -18.89 -33.44 2.92
N ASN C 162 -17.56 -33.54 2.83
CA ASN C 162 -16.86 -33.68 1.56
C ASN C 162 -15.59 -34.47 1.78
N PRO C 163 -15.73 -35.76 2.13
CA PRO C 163 -14.56 -36.52 2.58
C PRO C 163 -13.60 -36.83 1.45
N PRO C 164 -12.31 -36.85 1.76
CA PRO C 164 -11.35 -37.32 0.76
C PRO C 164 -11.55 -38.83 0.58
N LYS C 165 -11.08 -39.39 -0.52
CA LYS C 165 -11.32 -40.80 -0.77
C LYS C 165 -10.52 -41.67 0.20
N VAL C 166 -9.36 -41.17 0.61
CA VAL C 166 -8.60 -41.82 1.67
C VAL C 166 -8.45 -40.83 2.83
N ALA C 167 -8.68 -41.32 4.04
CA ALA C 167 -8.72 -40.46 5.24
C ALA C 167 -7.46 -39.62 5.42
N ASP C 168 -7.63 -38.31 5.36
CA ASP C 168 -6.58 -37.32 5.59
C ASP C 168 -5.51 -37.31 4.52
N LYS C 169 -5.85 -37.80 3.33
CA LYS C 169 -4.98 -37.69 2.17
C LYS C 169 -5.67 -36.89 1.07
N ASP C 170 -4.90 -36.07 0.36
CA ASP C 170 -5.39 -35.36 -0.81
C ASP C 170 -5.73 -36.37 -1.90
N ASP C 171 -6.86 -36.17 -2.59
CA ASP C 171 -7.24 -37.06 -3.70
C ASP C 171 -6.27 -37.05 -4.88
N VAL C 172 -5.68 -35.90 -5.18
CA VAL C 172 -4.83 -35.81 -6.39
C VAL C 172 -3.41 -36.34 -6.18
N THR C 173 -2.78 -35.90 -5.09
CA THR C 173 -1.36 -36.17 -4.85
C THR C 173 -1.14 -37.28 -3.84
N GLY C 174 -2.18 -37.60 -3.07
CA GLY C 174 -2.05 -38.54 -1.98
C GLY C 174 -1.30 -37.97 -0.77
N GLU C 175 -0.98 -36.67 -0.82
CA GLU C 175 -0.21 -36.03 0.25
C GLU C 175 -1.09 -35.75 1.48
N PRO C 176 -0.48 -35.62 2.68
CA PRO C 176 -1.31 -35.41 3.88
C PRO C 176 -2.12 -34.13 3.82
N LEU C 177 -3.27 -34.13 4.48
CA LEU C 177 -4.08 -32.93 4.63
C LEU C 177 -3.78 -32.40 6.02
N ILE C 178 -4.09 -31.12 6.24
CA ILE C 178 -3.90 -30.54 7.56
C ILE C 178 -5.21 -29.98 8.06
N THR C 179 -5.30 -29.81 9.37
CA THR C 179 -6.40 -29.08 9.97
C THR C 179 -5.85 -27.68 10.21
N ARG C 180 -6.59 -26.64 9.80
CA ARG C 180 -6.13 -25.27 10.01
C ARG C 180 -6.06 -25.00 11.51
N THR C 181 -5.09 -24.17 11.92
CA THR C 181 -4.86 -23.85 13.32
C THR C 181 -6.12 -23.55 14.13
N ASP C 182 -6.95 -22.64 13.63
CA ASP C 182 -8.11 -22.19 14.41
C ASP C 182 -9.32 -23.10 14.24
N ASP C 183 -9.12 -24.23 13.56
CA ASP C 183 -10.17 -25.23 13.40
C ASP C 183 -10.00 -26.37 14.41
N ASN C 184 -9.02 -26.24 15.29
CA ASN C 184 -8.80 -27.25 16.33
C ASN C 184 -9.97 -27.27 17.32
N GLU C 185 -10.30 -28.46 17.83
CA GLU C 185 -11.46 -28.63 18.70
C GLU C 185 -11.52 -27.67 19.89
N ASP C 186 -10.38 -27.46 20.55
CA ASP C 186 -10.31 -26.56 21.69
C ASP C 186 -10.66 -25.11 21.33
N THR C 187 -10.06 -24.60 20.24
CA THR C 187 -10.33 -23.23 19.77
C THR C 187 -11.78 -23.06 19.34
N VAL C 188 -12.30 -24.05 18.61
CA VAL C 188 -13.68 -24.05 18.16
C VAL C 188 -14.67 -23.90 19.33
N LYS C 189 -14.50 -24.72 20.36
CA LYS C 189 -15.37 -24.68 21.55
C LYS C 189 -15.35 -23.33 22.26
N GLN C 190 -14.16 -22.74 22.35
CA GLN C 190 -14.02 -21.40 22.91
C GLN C 190 -14.77 -20.36 22.09
N ARG C 191 -14.54 -20.36 20.78
CA ARG C 191 -15.23 -19.43 19.89
C ARG C 191 -16.76 -19.59 19.97
N LEU C 192 -17.22 -20.84 20.07
CA LEU C 192 -18.64 -21.13 20.17
C LEU C 192 -19.20 -20.57 21.47
N SER C 193 -18.44 -20.71 22.54
CA SER C 193 -18.87 -20.19 23.84
C SER C 193 -18.97 -18.65 23.80
N VAL C 194 -17.95 -18.00 23.23
CA VAL C 194 -18.01 -16.53 23.14
C VAL C 194 -19.15 -16.10 22.23
N TYR C 195 -19.35 -16.82 21.13
CA TYR C 195 -20.46 -16.50 20.23
C TYR C 195 -21.80 -16.58 20.95
N HIS C 196 -22.04 -17.69 21.62
CA HIS C 196 -23.33 -17.91 22.27
C HIS C 196 -23.60 -16.83 23.33
N ALA C 197 -22.55 -16.40 24.03
CA ALA C 197 -22.67 -15.36 25.05
C ALA C 197 -22.98 -14.00 24.43
N GLN C 198 -22.26 -13.64 23.37
CA GLN C 198 -22.52 -12.38 22.66
C GLN C 198 -23.97 -12.34 22.17
N THR C 199 -24.41 -13.48 21.63
CA THR C 199 -25.70 -13.57 20.97
C THR C 199 -26.85 -13.49 22.00
N ALA C 200 -26.68 -14.14 23.14
CA ALA C 200 -27.73 -14.14 24.16
C ALA C 200 -28.00 -12.72 24.62
N LYS C 201 -26.93 -11.93 24.81
CA LYS C 201 -27.04 -10.50 25.18
C LYS C 201 -27.78 -9.72 24.11
N LEU C 202 -27.40 -9.94 22.86
CA LEU C 202 -28.00 -9.21 21.75
C LEU C 202 -29.50 -9.48 21.67
N ILE C 203 -29.88 -10.76 21.76
CA ILE C 203 -31.30 -11.10 21.68
C ILE C 203 -32.06 -10.46 22.85
N ASP C 204 -31.44 -10.46 24.03
CA ASP C 204 -32.07 -9.83 25.19
C ASP C 204 -32.20 -8.30 25.03
N PHE C 205 -31.14 -7.67 24.53
CA PHE C 205 -31.14 -6.24 24.23
C PHE C 205 -32.31 -5.91 23.33
N TYR C 206 -32.46 -6.71 22.29
CA TYR C 206 -33.47 -6.42 21.30
C TYR C 206 -34.87 -6.80 21.76
N ARG C 207 -34.98 -7.80 22.63
CA ARG C 207 -36.30 -8.17 23.18
C ARG C 207 -36.90 -7.07 24.07
N ASN C 208 -36.03 -6.33 24.74
CA ASN C 208 -36.48 -5.28 25.66
C ASN C 208 -36.19 -3.91 25.09
N PHE C 209 -36.10 -3.86 23.76
CA PHE C 209 -35.70 -2.65 23.04
C PHE C 209 -36.64 -1.49 23.35
N SER C 210 -36.06 -0.34 23.62
CA SER C 210 -36.82 0.86 23.97
C SER C 210 -36.11 2.08 23.39
N SER C 211 -36.72 2.67 22.37
CA SER C 211 -36.04 3.69 21.59
C SER C 211 -37.04 4.61 20.92
N THR C 212 -36.68 5.89 20.85
CA THR C 212 -37.43 6.83 20.03
C THR C 212 -36.68 7.11 18.73
N ASN C 213 -35.60 6.35 18.50
CA ASN C 213 -34.78 6.46 17.28
C ASN C 213 -35.08 5.43 16.19
N THR C 214 -35.30 4.17 16.58
CA THR C 214 -35.58 3.11 15.62
C THR C 214 -36.68 2.17 16.12
N LYS C 215 -37.16 1.29 15.23
CA LYS C 215 -38.26 0.41 15.60
C LYS C 215 -37.76 -0.79 16.43
N ILE C 216 -38.68 -1.49 17.08
CA ILE C 216 -38.34 -2.75 17.74
C ILE C 216 -38.38 -3.88 16.71
N PRO C 217 -37.26 -4.61 16.53
CA PRO C 217 -37.35 -5.68 15.51
C PRO C 217 -38.15 -6.92 15.98
N LYS C 218 -38.67 -7.68 15.03
CA LYS C 218 -39.36 -8.95 15.30
C LYS C 218 -38.33 -10.09 15.41
N TYR C 219 -38.28 -10.81 16.53
CA TYR C 219 -37.27 -11.88 16.69
C TYR C 219 -37.78 -13.21 16.16
N ILE C 220 -36.95 -13.87 15.35
CA ILE C 220 -37.34 -15.13 14.72
C ILE C 220 -36.25 -16.17 14.96
N LYS C 221 -36.61 -17.27 15.61
CA LYS C 221 -35.63 -18.32 15.90
C LYS C 221 -35.90 -19.44 14.91
N ILE C 222 -34.88 -19.86 14.17
CA ILE C 222 -35.05 -20.89 13.16
C ILE C 222 -34.30 -22.17 13.53
N ASN C 223 -34.95 -23.32 13.33
CA ASN C 223 -34.32 -24.62 13.51
C ASN C 223 -33.40 -24.95 12.32
N GLY C 224 -32.10 -24.70 12.48
CA GLY C 224 -31.11 -24.91 11.42
C GLY C 224 -30.73 -26.36 11.12
N ASP C 225 -31.06 -27.29 12.02
CA ASP C 225 -30.73 -28.70 11.79
C ASP C 225 -31.81 -29.42 10.98
N GLN C 226 -32.00 -28.99 9.73
CA GLN C 226 -32.90 -29.67 8.79
C GLN C 226 -32.24 -29.65 7.43
N ALA C 227 -32.84 -30.29 6.44
CA ALA C 227 -32.42 -30.07 5.06
C ALA C 227 -32.52 -28.57 4.76
N VAL C 228 -31.66 -28.10 3.87
CA VAL C 228 -31.58 -26.69 3.47
C VAL C 228 -32.92 -26.07 3.08
N GLU C 229 -33.64 -26.75 2.19
CA GLU C 229 -34.90 -26.22 1.68
C GLU C 229 -35.95 -26.07 2.77
N LYS C 230 -35.99 -27.02 3.72
CA LYS C 230 -36.89 -26.88 4.87
C LYS C 230 -36.50 -25.70 5.77
N VAL C 231 -35.19 -25.50 5.98
CA VAL C 231 -34.74 -24.37 6.79
C VAL C 231 -35.20 -23.09 6.11
N SER C 232 -35.00 -23.01 4.81
CA SER C 232 -35.39 -21.84 4.02
C SER C 232 -36.89 -21.59 4.13
N GLN C 233 -37.67 -22.67 4.02
CA GLN C 233 -39.12 -22.53 4.07
C GLN C 233 -39.59 -22.04 5.42
N ASP C 234 -38.99 -22.55 6.50
CA ASP C 234 -39.33 -22.06 7.84
C ASP C 234 -39.06 -20.56 7.95
N ILE C 235 -38.00 -20.11 7.29
CA ILE C 235 -37.62 -18.71 7.29
C ILE C 235 -38.63 -17.90 6.48
N PHE C 236 -38.91 -18.37 5.26
CA PHE C 236 -39.91 -17.73 4.40
C PHE C 236 -41.25 -17.54 5.15
N ASP C 237 -41.71 -18.57 5.86
CA ASP C 237 -43.03 -18.51 6.50
C ASP C 237 -43.13 -17.40 7.56
N GLN C 238 -42.00 -17.11 8.23
CA GLN C 238 -41.98 -16.10 9.28
C GLN C 238 -41.87 -14.71 8.70
N LEU C 239 -41.07 -14.59 7.65
CA LEU C 239 -40.84 -13.32 6.97
C LEU C 239 -42.09 -12.90 6.20
N ASN C 240 -42.84 -13.88 5.70
CA ASN C 240 -44.05 -13.61 4.91
C ASN C 240 -45.30 -13.34 5.75
N LYS C 241 -45.20 -13.49 7.07
CA LYS C 241 -46.30 -13.12 7.96
C LYS C 241 -46.49 -11.61 7.93
N ALA D 24 -33.63 -3.15 -18.23
CA ALA D 24 -32.69 -3.97 -17.47
C ALA D 24 -31.24 -3.83 -17.96
N ARG D 26 -27.91 -5.77 -18.47
CA ARG D 26 -27.32 -7.11 -18.55
C ARG D 26 -25.91 -7.06 -19.11
N ILE D 27 -24.95 -7.58 -18.35
CA ILE D 27 -23.54 -7.42 -18.68
C ILE D 27 -22.78 -8.76 -18.65
N ILE D 28 -21.88 -8.94 -19.61
CA ILE D 28 -20.88 -10.00 -19.50
C ILE D 28 -19.56 -9.39 -19.05
N LEU D 29 -19.01 -9.88 -17.94
CA LEU D 29 -17.77 -9.32 -17.43
C LEU D 29 -16.54 -10.22 -17.69
N LEU D 30 -15.55 -9.66 -18.37
CA LEU D 30 -14.30 -10.34 -18.71
C LEU D 30 -13.07 -9.74 -18.04
N GLY D 31 -12.10 -10.59 -17.72
CA GLY D 31 -10.89 -10.14 -17.05
C GLY D 31 -9.95 -11.29 -16.70
N ALA D 32 -8.69 -11.10 -17.01
CA ALA D 32 -7.65 -12.08 -16.71
C ALA D 32 -7.49 -12.23 -15.20
N PRO D 33 -6.83 -13.30 -14.73
CA PRO D 33 -6.61 -13.48 -13.29
C PRO D 33 -5.63 -12.46 -12.71
N GLY D 34 -6.03 -11.78 -11.64
CA GLY D 34 -5.17 -10.78 -11.02
C GLY D 34 -5.58 -9.36 -11.41
N ALA D 35 -6.41 -9.27 -12.43
CA ALA D 35 -6.84 -7.97 -12.98
C ALA D 35 -7.90 -7.28 -12.12
N GLY D 36 -8.36 -7.96 -11.07
CA GLY D 36 -9.29 -7.36 -10.13
C GLY D 36 -10.68 -7.13 -10.71
N LYS D 37 -11.11 -8.01 -11.63
CA LYS D 37 -12.44 -7.86 -12.21
C LYS D 37 -13.49 -7.99 -11.11
N GLY D 38 -13.19 -8.82 -10.10
CA GLY D 38 -14.08 -9.03 -8.97
C GLY D 38 -14.45 -7.75 -8.25
N THR D 39 -13.48 -6.87 -8.08
CA THR D 39 -13.75 -5.62 -7.38
C THR D 39 -14.76 -4.77 -8.18
N GLN D 40 -14.56 -4.68 -9.49
CA GLN D 40 -15.47 -3.90 -10.32
C GLN D 40 -16.86 -4.52 -10.38
N ALA D 41 -16.95 -5.85 -10.40
CA ALA D 41 -18.25 -6.52 -10.36
C ALA D 41 -19.06 -6.07 -9.14
N LYS D 42 -18.44 -6.03 -7.97
CA LYS D 42 -19.17 -5.64 -6.77
C LYS D 42 -19.57 -4.17 -6.87
N ILE D 43 -18.70 -3.36 -7.47
CA ILE D 43 -18.97 -1.94 -7.62
C ILE D 43 -20.17 -1.67 -8.54
N ILE D 44 -20.19 -2.30 -9.71
CA ILE D 44 -21.35 -2.26 -10.63
C ILE D 44 -22.65 -2.79 -9.99
N GLU D 45 -22.56 -3.96 -9.34
CA GLU D 45 -23.71 -4.56 -8.65
C GLU D 45 -24.36 -3.56 -7.69
N GLN D 46 -23.54 -2.83 -6.94
CA GLN D 46 -24.04 -1.92 -5.92
C GLN D 46 -24.60 -0.61 -6.50
N LYS D 47 -23.97 -0.10 -7.56
CA LYS D 47 -24.41 1.12 -8.22
C LYS D 47 -25.71 0.87 -8.99
N TYR D 48 -25.75 -0.20 -9.80
CA TYR D 48 -26.92 -0.45 -10.66
C TYR D 48 -28.00 -1.40 -10.11
N ASN D 49 -27.80 -1.89 -8.90
CA ASN D 49 -28.78 -2.81 -8.29
C ASN D 49 -29.07 -4.01 -9.20
N ILE D 50 -28.01 -4.72 -9.58
CA ILE D 50 -28.18 -5.93 -10.38
C ILE D 50 -27.40 -7.04 -9.71
N ALA D 51 -27.74 -8.29 -10.01
CA ALA D 51 -27.06 -9.40 -9.37
C ALA D 51 -25.71 -9.70 -10.02
N HIS D 52 -24.70 -9.90 -9.19
CA HIS D 52 -23.42 -10.39 -9.65
C HIS D 52 -23.46 -11.92 -9.63
N ILE D 53 -23.49 -12.52 -10.82
CA ILE D 53 -23.48 -13.97 -10.98
C ILE D 53 -22.07 -14.46 -11.28
N SER D 54 -21.39 -14.99 -10.28
CA SER D 54 -20.07 -15.58 -10.49
C SER D 54 -20.19 -17.09 -10.53
N THR D 55 -19.53 -17.69 -11.50
CA THR D 55 -19.61 -19.11 -11.81
C THR D 55 -19.33 -20.02 -10.63
N GLY D 56 -18.25 -19.73 -9.91
CA GLY D 56 -17.84 -20.55 -8.79
C GLY D 56 -18.92 -20.58 -7.72
N ASP D 57 -19.42 -19.39 -7.38
CA ASP D 57 -20.43 -19.25 -6.33
C ASP D 57 -21.72 -19.94 -6.75
N ILE D 59 -22.14 -22.37 -8.70
CA ILE D 59 -21.96 -23.82 -8.55
C ILE D 59 -22.01 -24.30 -7.10
N ARG D 60 -21.18 -23.72 -6.24
CA ARG D 60 -21.18 -24.10 -4.83
C ARG D 60 -22.57 -23.97 -4.21
N GLU D 61 -23.27 -22.87 -4.51
CA GLU D 61 -24.65 -22.66 -4.06
C GLU D 61 -25.62 -23.72 -4.58
N THR D 62 -25.74 -23.80 -5.90
CA THR D 62 -26.72 -24.69 -6.54
C THR D 62 -26.58 -26.15 -6.06
N ILE D 63 -25.36 -26.52 -5.69
CA ILE D 63 -25.11 -27.81 -5.04
C ILE D 63 -25.79 -27.90 -3.67
N LYS D 64 -25.54 -26.90 -2.82
CA LYS D 64 -26.10 -26.87 -1.46
C LYS D 64 -27.63 -26.82 -1.45
N SER D 65 -28.20 -26.35 -2.57
CA SER D 65 -29.64 -26.17 -2.70
C SER D 65 -30.43 -27.43 -2.38
N GLY D 66 -29.95 -28.56 -2.91
CA GLY D 66 -30.74 -29.78 -2.87
C GLY D 66 -31.83 -29.68 -3.91
N SER D 67 -31.57 -28.85 -4.91
CA SER D 67 -32.50 -28.59 -5.99
C SER D 67 -32.51 -29.76 -6.98
N ALA D 68 -33.35 -29.65 -8.00
CA ALA D 68 -33.30 -30.60 -9.11
C ALA D 68 -31.89 -30.54 -9.71
N LEU D 69 -31.46 -29.33 -10.02
CA LEU D 69 -30.13 -29.04 -10.58
C LEU D 69 -29.00 -29.53 -9.67
N GLY D 70 -29.08 -29.20 -8.39
CA GLY D 70 -28.05 -29.58 -7.44
C GLY D 70 -27.87 -31.07 -7.32
N GLN D 71 -28.99 -31.81 -7.35
CA GLN D 71 -28.93 -33.26 -7.39
C GLN D 71 -28.18 -33.72 -8.64
N GLU D 72 -28.53 -33.14 -9.78
CA GLU D 72 -27.87 -33.44 -11.06
C GLU D 72 -26.38 -33.08 -11.00
N LEU D 73 -26.13 -31.80 -10.75
CA LEU D 73 -24.78 -31.25 -10.71
C LEU D 73 -23.84 -32.07 -9.84
N LYS D 74 -24.35 -32.52 -8.70
CA LYS D 74 -23.61 -33.34 -7.74
C LYS D 74 -22.85 -34.51 -8.39
N LYS D 75 -23.59 -35.51 -8.84
CA LYS D 75 -23.02 -36.73 -9.43
C LYS D 75 -21.94 -36.43 -10.47
N VAL D 76 -22.21 -35.45 -11.31
CA VAL D 76 -21.26 -34.98 -12.33
C VAL D 76 -19.91 -34.57 -11.73
N LEU D 77 -19.95 -33.91 -10.58
CA LEU D 77 -18.74 -33.46 -9.91
C LEU D 77 -18.17 -34.51 -8.95
N ASP D 78 -19.01 -35.43 -8.51
CA ASP D 78 -18.57 -36.50 -7.60
C ASP D 78 -18.08 -37.72 -8.38
N ALA D 79 -18.36 -37.74 -9.68
CA ALA D 79 -17.80 -38.76 -10.57
C ALA D 79 -16.71 -38.14 -11.45
N GLY D 80 -16.03 -37.13 -10.90
CA GLY D 80 -14.88 -36.50 -11.52
C GLY D 80 -15.06 -35.93 -12.91
N GLU D 81 -16.30 -35.90 -13.40
CA GLU D 81 -16.58 -35.47 -14.76
C GLU D 81 -16.63 -33.95 -14.88
N LEU D 82 -16.85 -33.46 -16.11
CA LEU D 82 -16.89 -32.01 -16.36
C LEU D 82 -18.32 -31.49 -16.56
N VAL D 83 -18.57 -30.27 -16.11
CA VAL D 83 -19.87 -29.65 -16.36
C VAL D 83 -19.94 -29.20 -17.80
N SER D 84 -20.83 -29.82 -18.58
CA SER D 84 -21.00 -29.46 -19.99
C SER D 84 -21.38 -27.99 -20.17
N ASP D 85 -21.09 -27.44 -21.34
CA ASP D 85 -21.46 -26.07 -21.68
C ASP D 85 -22.97 -25.89 -21.67
N GLU D 86 -23.70 -26.92 -22.08
CA GLU D 86 -25.16 -26.92 -22.01
C GLU D 86 -25.64 -26.82 -20.56
N PHE D 87 -25.00 -27.60 -19.70
CA PHE D 87 -25.40 -27.74 -18.31
C PHE D 87 -25.15 -26.44 -17.53
N ILE D 88 -23.98 -25.84 -17.74
CA ILE D 88 -23.61 -24.61 -17.06
C ILE D 88 -24.63 -23.51 -17.30
N ILE D 89 -24.97 -23.29 -18.57
CA ILE D 89 -25.92 -22.22 -18.85
C ILE D 89 -27.37 -22.63 -18.55
N LYS D 90 -27.62 -23.93 -18.43
CA LYS D 90 -28.89 -24.34 -17.81
C LYS D 90 -28.96 -23.77 -16.40
N ILE D 91 -27.84 -23.83 -15.69
CA ILE D 91 -27.79 -23.31 -14.33
C ILE D 91 -27.88 -21.78 -14.35
N VAL D 92 -27.12 -21.13 -15.21
CA VAL D 92 -27.23 -19.68 -15.42
C VAL D 92 -28.67 -19.23 -15.71
N LYS D 93 -29.37 -19.95 -16.59
CA LYS D 93 -30.74 -19.59 -16.95
C LYS D 93 -31.69 -19.62 -15.74
N ASP D 94 -31.62 -20.70 -14.96
CA ASP D 94 -32.40 -20.80 -13.73
C ASP D 94 -31.96 -19.75 -12.68
N ARG D 95 -30.66 -19.51 -12.57
CA ARG D 95 -30.14 -18.53 -11.62
C ARG D 95 -30.70 -17.12 -11.88
N ILE D 96 -30.75 -16.75 -13.15
CA ILE D 96 -31.21 -15.42 -13.55
C ILE D 96 -32.74 -15.34 -13.65
N SER D 97 -33.39 -16.46 -13.39
CA SER D 97 -34.85 -16.45 -13.28
C SER D 97 -35.29 -15.93 -11.91
N LYS D 98 -34.32 -15.73 -11.01
CA LYS D 98 -34.65 -15.38 -9.63
C LYS D 98 -34.83 -13.87 -9.40
N ASN D 99 -35.56 -13.53 -8.34
CA ASN D 99 -36.02 -12.16 -8.11
C ASN D 99 -34.93 -11.09 -8.06
N ASP D 100 -33.75 -11.45 -7.57
CA ASP D 100 -32.65 -10.50 -7.50
C ASP D 100 -32.06 -10.20 -8.89
N CYS D 101 -32.56 -10.90 -9.91
CA CYS D 101 -32.08 -10.66 -11.27
C CYS D 101 -33.09 -9.94 -12.14
N ASN D 102 -34.15 -9.45 -11.52
CA ASN D 102 -35.22 -8.78 -12.29
C ASN D 102 -34.82 -7.43 -12.89
N ASN D 103 -33.89 -6.74 -12.23
CA ASN D 103 -33.38 -5.45 -12.71
C ASN D 103 -32.19 -5.61 -13.66
N GLY D 104 -31.73 -6.84 -13.82
CA GLY D 104 -30.58 -7.11 -14.67
C GLY D 104 -29.56 -7.94 -13.92
N PHE D 105 -28.45 -8.24 -14.56
CA PHE D 105 -27.44 -9.07 -13.90
C PHE D 105 -26.09 -8.92 -14.58
N LEU D 106 -25.05 -9.38 -13.89
CA LEU D 106 -23.72 -9.35 -14.44
C LEU D 106 -23.17 -10.77 -14.37
N LEU D 107 -22.73 -11.29 -15.52
CA LEU D 107 -22.24 -12.65 -15.63
C LEU D 107 -20.71 -12.66 -15.51
N ASP D 108 -20.22 -13.47 -14.57
CA ASP D 108 -18.81 -13.47 -14.23
C ASP D 108 -18.31 -14.91 -14.25
N GLY D 109 -17.54 -15.25 -15.28
CA GLY D 109 -17.07 -16.61 -15.47
C GLY D 109 -17.81 -17.30 -16.60
N VAL D 110 -18.80 -16.60 -17.15
CA VAL D 110 -19.69 -17.14 -18.18
C VAL D 110 -20.15 -16.00 -19.09
N PRO D 111 -20.21 -16.22 -20.41
CA PRO D 111 -19.79 -17.40 -21.18
C PRO D 111 -18.29 -17.51 -21.33
N ARG D 112 -17.73 -18.68 -21.03
CA ARG D 112 -16.31 -18.93 -21.20
C ARG D 112 -16.03 -19.35 -22.63
N THR D 113 -16.99 -20.01 -23.26
CA THR D 113 -16.81 -20.53 -24.61
C THR D 113 -17.78 -19.96 -25.64
N ILE D 114 -17.51 -20.31 -26.88
CA ILE D 114 -18.34 -19.96 -28.01
C ILE D 114 -19.72 -20.67 -27.97
N PRO D 115 -19.75 -21.99 -27.69
CA PRO D 115 -21.07 -22.62 -27.56
C PRO D 115 -21.84 -22.20 -26.29
N GLN D 116 -21.15 -21.94 -25.19
CA GLN D 116 -21.81 -21.38 -24.02
C GLN D 116 -22.53 -20.12 -24.47
N ALA D 117 -21.81 -19.29 -25.22
CA ALA D 117 -22.37 -18.04 -25.74
C ALA D 117 -23.54 -18.29 -26.69
N GLN D 118 -23.38 -19.26 -27.59
CA GLN D 118 -24.45 -19.68 -28.48
C GLN D 118 -25.64 -20.23 -27.68
N GLU D 119 -25.35 -21.09 -26.70
CA GLU D 119 -26.40 -21.70 -25.87
C GLU D 119 -27.19 -20.63 -25.12
N LEU D 120 -26.61 -19.43 -24.96
CA LEU D 120 -27.29 -18.32 -24.31
C LEU D 120 -28.14 -17.48 -25.27
N ASP D 121 -27.75 -17.41 -26.54
CA ASP D 121 -28.59 -16.80 -27.58
C ASP D 121 -29.80 -17.69 -27.87
N LYS D 122 -29.62 -18.99 -27.70
CA LYS D 122 -30.68 -19.95 -27.96
C LYS D 122 -31.70 -19.92 -26.83
N LEU D 123 -31.38 -19.17 -25.78
CA LEU D 123 -32.26 -19.05 -24.63
C LEU D 123 -32.87 -17.66 -24.52
N GLY D 124 -32.57 -16.79 -25.49
CA GLY D 124 -33.12 -15.45 -25.49
C GLY D 124 -32.60 -14.59 -24.36
N VAL D 125 -31.46 -14.97 -23.79
CA VAL D 125 -30.80 -14.13 -22.81
C VAL D 125 -30.05 -13.02 -23.51
N ASN D 126 -30.61 -11.82 -23.47
CA ASN D 126 -29.97 -10.67 -24.08
C ASN D 126 -28.84 -10.13 -23.20
N ILE D 127 -27.87 -9.48 -23.83
CA ILE D 127 -26.75 -8.87 -23.12
C ILE D 127 -26.52 -7.49 -23.72
N ASP D 128 -26.62 -6.46 -22.88
CA ASP D 128 -26.52 -5.11 -23.38
C ASP D 128 -25.07 -4.73 -23.60
N TYR D 129 -24.23 -5.11 -22.64
CA TYR D 129 -22.85 -4.70 -22.65
C TYR D 129 -21.91 -5.85 -22.33
N ILE D 130 -20.77 -5.90 -22.99
CA ILE D 130 -19.70 -6.79 -22.59
C ILE D 130 -18.47 -5.98 -22.19
N VAL D 131 -18.08 -6.09 -20.92
CA VAL D 131 -17.04 -5.23 -20.35
C VAL D 131 -15.76 -6.00 -20.05
N GLU D 132 -14.67 -5.69 -20.75
CA GLU D 132 -13.40 -6.32 -20.44
C GLU D 132 -12.45 -5.40 -19.69
N VAL D 133 -12.10 -5.80 -18.48
CA VAL D 133 -11.13 -5.06 -17.69
C VAL D 133 -9.73 -5.53 -18.06
N ASP D 134 -9.00 -4.68 -18.78
CA ASP D 134 -7.67 -5.02 -19.33
C ASP D 134 -6.49 -4.54 -18.47
N VAL D 135 -5.66 -5.50 -18.02
CA VAL D 135 -4.41 -5.19 -17.32
C VAL D 135 -3.26 -5.98 -17.97
N ALA D 136 -2.14 -5.30 -18.22
CA ALA D 136 -1.00 -5.91 -18.92
C ALA D 136 -0.43 -7.14 -18.22
N ASP D 137 -0.02 -8.12 -19.02
CA ASP D 137 0.44 -9.42 -18.52
C ASP D 137 1.55 -9.33 -17.46
N ASN D 138 2.55 -8.49 -17.71
CA ASN D 138 3.70 -8.38 -16.81
C ASN D 138 3.33 -8.03 -15.36
N LEU D 139 2.29 -7.22 -15.19
CA LEU D 139 1.81 -6.84 -13.87
C LEU D 139 1.02 -7.99 -13.27
N LEU D 140 0.22 -8.64 -14.10
CA LEU D 140 -0.59 -9.77 -13.65
C LEU D 140 0.32 -10.87 -13.15
N ILE D 141 1.39 -11.12 -13.89
CA ILE D 141 2.36 -12.14 -13.53
C ILE D 141 2.99 -11.77 -12.20
N GLU D 142 3.33 -10.49 -12.03
CA GLU D 142 3.98 -10.05 -10.80
C GLU D 142 3.05 -10.18 -9.58
N ARG D 143 1.76 -9.90 -9.75
CA ARG D 143 0.80 -10.04 -8.66
C ARG D 143 0.68 -11.47 -8.17
N ILE D 144 0.51 -12.42 -9.09
CA ILE D 144 0.36 -13.82 -8.68
C ILE D 144 1.67 -14.41 -8.16
N THR D 145 2.71 -14.28 -8.96
CA THR D 145 3.97 -14.96 -8.73
C THR D 145 4.63 -14.68 -7.36
N GLY D 146 4.55 -13.43 -6.90
CA GLY D 146 5.14 -13.09 -5.63
C GLY D 146 4.34 -13.55 -4.42
N ARG D 147 3.20 -14.21 -4.65
CA ARG D 147 2.32 -14.67 -3.56
C ARG D 147 2.94 -15.79 -2.73
N ARG D 148 2.92 -15.61 -1.41
CA ARG D 148 3.36 -16.63 -0.46
C ARG D 148 2.29 -16.80 0.65
N ILE D 149 2.15 -18.00 1.19
CA ILE D 149 1.12 -18.24 2.20
C ILE D 149 1.63 -19.16 3.32
N HIS D 150 1.14 -18.95 4.53
CA HIS D 150 1.36 -19.87 5.64
C HIS D 150 0.10 -20.70 5.75
N PRO D 151 0.11 -21.91 5.18
CA PRO D 151 -1.10 -22.75 5.09
C PRO D 151 -1.89 -22.91 6.40
N ALA D 152 -1.18 -23.11 7.52
CA ALA D 152 -1.84 -23.39 8.78
C ALA D 152 -2.78 -22.27 9.22
N SER D 153 -2.41 -21.02 8.93
CA SER D 153 -3.20 -19.87 9.37
C SER D 153 -3.90 -19.17 8.21
N GLY D 154 -3.35 -19.30 7.01
CA GLY D 154 -3.88 -18.55 5.88
C GLY D 154 -3.25 -17.16 5.69
N ARG D 155 -2.35 -16.74 6.58
CA ARG D 155 -1.68 -15.45 6.37
C ARG D 155 -1.00 -15.40 5.00
N THR D 156 -1.23 -14.33 4.25
CA THR D 156 -0.69 -14.25 2.88
C THR D 156 0.32 -13.13 2.73
N TYR D 157 1.39 -13.38 1.99
CA TYR D 157 2.44 -12.36 1.80
C TYR D 157 2.71 -12.15 0.31
N HIS D 158 3.46 -11.10 -0.02
CA HIS D 158 3.86 -10.88 -1.40
C HIS D 158 5.29 -10.30 -1.49
N THR D 159 6.13 -10.95 -2.30
CA THR D 159 7.55 -10.60 -2.36
C THR D 159 7.84 -9.17 -2.81
N LYS D 160 6.96 -8.58 -3.63
CA LYS D 160 7.12 -7.15 -3.93
C LYS D 160 6.24 -6.26 -3.05
N PHE D 161 4.97 -6.61 -2.91
CA PHE D 161 4.02 -5.70 -2.25
C PHE D 161 3.96 -5.73 -0.73
N ASN D 162 4.22 -6.89 -0.14
CA ASN D 162 4.02 -7.07 1.29
C ASN D 162 4.84 -8.26 1.80
N PRO D 163 6.17 -8.10 1.85
CA PRO D 163 7.09 -9.20 2.16
C PRO D 163 7.07 -9.58 3.63
N PRO D 164 7.30 -10.87 3.94
CA PRO D 164 7.60 -11.23 5.34
C PRO D 164 8.86 -10.50 5.80
N LYS D 165 9.08 -10.42 7.10
CA LYS D 165 10.31 -9.80 7.61
C LYS D 165 11.52 -10.65 7.23
N VAL D 166 11.40 -11.96 7.40
CA VAL D 166 12.38 -12.92 6.87
C VAL D 166 11.79 -13.66 5.67
N ALA D 167 12.54 -13.71 4.57
CA ALA D 167 12.09 -14.38 3.34
C ALA D 167 11.64 -15.81 3.62
N ASP D 168 10.51 -16.21 3.04
CA ASP D 168 9.95 -17.55 3.22
C ASP D 168 9.61 -17.94 4.68
N LYS D 169 9.50 -16.94 5.56
CA LYS D 169 9.17 -17.18 6.97
C LYS D 169 7.91 -16.41 7.41
N ASP D 170 6.99 -17.08 8.10
CA ASP D 170 5.77 -16.43 8.62
C ASP D 170 6.15 -15.47 9.74
N ASP D 171 5.62 -14.24 9.69
CA ASP D 171 5.97 -13.25 10.71
C ASP D 171 5.50 -13.67 12.09
N VAL D 172 4.34 -14.33 12.18
CA VAL D 172 3.76 -14.64 13.49
C VAL D 172 4.41 -15.83 14.17
N THR D 173 4.62 -16.90 13.42
CA THR D 173 5.11 -18.17 13.96
C THR D 173 6.57 -18.49 13.60
N GLY D 174 7.09 -17.82 12.57
CA GLY D 174 8.42 -18.16 12.07
C GLY D 174 8.43 -19.42 11.21
N GLU D 175 7.30 -20.14 11.18
CA GLU D 175 7.14 -21.36 10.39
C GLU D 175 7.31 -21.07 8.88
N PRO D 176 7.49 -22.11 8.05
CA PRO D 176 7.72 -21.86 6.62
C PRO D 176 6.54 -21.24 5.88
N LEU D 177 6.83 -20.40 4.91
CA LEU D 177 5.82 -19.99 3.93
C LEU D 177 6.04 -20.85 2.68
N ILE D 178 4.98 -21.03 1.91
CA ILE D 178 5.08 -21.69 0.60
C ILE D 178 4.48 -20.82 -0.49
N THR D 179 4.79 -21.17 -1.73
CA THR D 179 4.14 -20.64 -2.93
C THR D 179 3.09 -21.68 -3.32
N ARG D 180 1.84 -21.29 -3.55
CA ARG D 180 0.84 -22.27 -3.93
C ARG D 180 1.20 -22.85 -5.29
N THR D 181 0.77 -24.09 -5.51
CA THR D 181 1.09 -24.82 -6.74
C THR D 181 0.76 -24.01 -8.01
N ASP D 182 -0.41 -23.38 -8.03
CA ASP D 182 -0.88 -22.63 -9.19
C ASP D 182 -0.15 -21.30 -9.41
N ASP D 183 0.55 -20.80 -8.39
CA ASP D 183 1.07 -19.43 -8.45
C ASP D 183 2.46 -19.28 -9.06
N ASN D 184 3.02 -20.36 -9.58
CA ASN D 184 4.37 -20.31 -10.16
C ASN D 184 4.37 -19.69 -11.55
N GLU D 185 5.50 -19.13 -11.96
CA GLU D 185 5.55 -18.29 -13.17
C GLU D 185 5.12 -19.01 -14.47
N ASP D 186 5.66 -20.20 -14.72
CA ASP D 186 5.32 -20.90 -15.96
C ASP D 186 3.80 -21.24 -16.01
N THR D 187 3.24 -21.61 -14.86
CA THR D 187 1.80 -21.89 -14.77
C THR D 187 0.94 -20.62 -14.99
N VAL D 188 1.36 -19.51 -14.39
CA VAL D 188 0.68 -18.24 -14.59
C VAL D 188 0.73 -17.80 -16.06
N LYS D 189 1.89 -17.94 -16.69
CA LYS D 189 2.02 -17.54 -18.09
C LYS D 189 1.15 -18.41 -19.01
N GLN D 190 1.03 -19.70 -18.69
CA GLN D 190 0.17 -20.59 -19.46
C GLN D 190 -1.29 -20.19 -19.28
N ARG D 191 -1.69 -19.94 -18.04
CA ARG D 191 -3.07 -19.53 -17.74
C ARG D 191 -3.44 -18.20 -18.41
N LEU D 192 -2.48 -17.28 -18.46
CA LEU D 192 -2.69 -16.02 -19.18
C LEU D 192 -2.91 -16.26 -20.66
N SER D 193 -2.09 -17.14 -21.24
CA SER D 193 -2.20 -17.49 -22.65
C SER D 193 -3.58 -18.03 -23.01
N VAL D 194 -4.03 -19.07 -22.30
CA VAL D 194 -5.33 -19.66 -22.56
C VAL D 194 -6.46 -18.64 -22.40
N TYR D 195 -6.35 -17.76 -21.40
CA TYR D 195 -7.34 -16.71 -21.20
C TYR D 195 -7.46 -15.78 -22.39
N HIS D 196 -6.34 -15.25 -22.86
CA HIS D 196 -6.36 -14.30 -23.97
C HIS D 196 -6.89 -14.96 -25.24
N ALA D 197 -6.58 -16.23 -25.43
CA ALA D 197 -7.09 -16.98 -26.57
C ALA D 197 -8.61 -17.21 -26.49
N GLN D 198 -9.07 -17.73 -25.35
CA GLN D 198 -10.50 -17.86 -25.09
C GLN D 198 -11.20 -16.53 -25.36
N THR D 199 -10.66 -15.48 -24.73
CA THR D 199 -11.29 -14.17 -24.71
C THR D 199 -11.41 -13.54 -26.10
N ALA D 200 -10.34 -13.65 -26.89
CA ALA D 200 -10.34 -13.09 -28.24
C ALA D 200 -11.33 -13.77 -29.19
N LYS D 201 -11.54 -15.08 -29.02
CA LYS D 201 -12.56 -15.77 -29.79
C LYS D 201 -13.92 -15.19 -29.44
N LEU D 202 -14.20 -15.13 -28.14
CA LEU D 202 -15.48 -14.68 -27.61
C LEU D 202 -15.82 -13.28 -28.10
N ILE D 203 -14.82 -12.40 -28.12
CA ILE D 203 -15.00 -11.03 -28.60
C ILE D 203 -15.24 -10.96 -30.12
N ASP D 204 -14.44 -11.70 -30.89
CA ASP D 204 -14.66 -11.77 -32.35
C ASP D 204 -16.05 -12.33 -32.62
N PHE D 205 -16.43 -13.35 -31.84
CA PHE D 205 -17.74 -13.98 -31.93
C PHE D 205 -18.88 -12.99 -31.75
N TYR D 206 -18.84 -12.23 -30.65
CA TYR D 206 -19.84 -11.20 -30.39
C TYR D 206 -19.67 -9.98 -31.31
N ARG D 207 -18.52 -9.85 -31.96
CA ARG D 207 -18.28 -8.76 -32.92
C ARG D 207 -19.09 -8.91 -34.20
N ASN D 208 -18.89 -10.02 -34.91
CA ASN D 208 -19.71 -10.34 -36.07
C ASN D 208 -20.95 -11.15 -35.64
N PHE D 209 -21.66 -10.63 -34.64
CA PHE D 209 -22.85 -11.29 -34.08
C PHE D 209 -24.11 -10.90 -34.82
N SER D 210 -24.82 -11.89 -35.34
CA SER D 210 -26.13 -11.65 -35.91
C SER D 210 -27.11 -12.69 -35.37
N SER D 211 -28.20 -12.20 -34.78
CA SER D 211 -29.23 -13.08 -34.23
C SER D 211 -30.63 -12.53 -34.51
N THR D 212 -31.61 -13.44 -34.63
CA THR D 212 -32.99 -13.04 -34.78
C THR D 212 -33.70 -12.99 -33.42
N ASN D 213 -32.95 -13.29 -32.36
CA ASN D 213 -33.53 -13.37 -31.02
C ASN D 213 -32.93 -12.35 -30.05
N THR D 214 -31.70 -12.59 -29.62
CA THR D 214 -31.01 -11.71 -28.69
C THR D 214 -30.52 -10.42 -29.40
N LYS D 215 -30.07 -9.46 -28.59
CA LYS D 215 -29.53 -8.20 -29.12
C LYS D 215 -28.05 -8.36 -29.46
N ILE D 216 -27.51 -7.42 -30.23
CA ILE D 216 -26.07 -7.35 -30.41
C ILE D 216 -25.49 -6.52 -29.27
N PRO D 217 -24.65 -7.15 -28.42
CA PRO D 217 -24.06 -6.47 -27.27
C PRO D 217 -23.09 -5.37 -27.68
N LYS D 218 -22.89 -4.36 -26.83
CA LYS D 218 -21.85 -3.36 -27.10
C LYS D 218 -20.56 -3.74 -26.35
N TYR D 219 -19.49 -3.96 -27.12
CA TYR D 219 -18.19 -4.29 -26.53
C TYR D 219 -17.50 -3.07 -25.96
N ILE D 220 -17.08 -3.17 -24.70
CA ILE D 220 -16.40 -2.09 -24.02
C ILE D 220 -15.07 -2.56 -23.48
N LYS D 221 -13.99 -1.97 -23.97
CA LYS D 221 -12.66 -2.27 -23.44
C LYS D 221 -12.24 -1.19 -22.44
N ILE D 222 -12.02 -1.60 -21.20
CA ILE D 222 -11.64 -0.68 -20.14
C ILE D 222 -10.18 -0.87 -19.75
N ASN D 223 -9.44 0.24 -19.65
CA ASN D 223 -8.09 0.25 -19.07
C ASN D 223 -8.20 -0.03 -17.58
N GLY D 224 -7.57 -1.10 -17.12
CA GLY D 224 -7.69 -1.52 -15.73
C GLY D 224 -6.50 -1.18 -14.85
N ASP D 225 -5.44 -0.67 -15.48
CA ASP D 225 -4.26 -0.23 -14.76
C ASP D 225 -4.43 1.22 -14.33
N GLN D 226 -5.41 1.47 -13.46
CA GLN D 226 -5.66 2.78 -12.86
C GLN D 226 -6.19 2.54 -11.45
N ALA D 227 -6.32 3.58 -10.64
CA ALA D 227 -6.97 3.44 -9.34
C ALA D 227 -8.39 2.91 -9.53
N VAL D 228 -8.84 2.07 -8.59
CA VAL D 228 -10.16 1.44 -8.66
C VAL D 228 -11.30 2.39 -9.05
N GLU D 229 -11.37 3.56 -8.42
CA GLU D 229 -12.41 4.54 -8.74
C GLU D 229 -12.34 5.09 -10.20
N LYS D 230 -11.14 5.21 -10.76
CA LYS D 230 -11.02 5.64 -12.15
C LYS D 230 -11.55 4.57 -13.10
N VAL D 231 -11.19 3.31 -12.82
CA VAL D 231 -11.65 2.18 -13.61
C VAL D 231 -13.17 2.16 -13.62
N SER D 232 -13.76 2.41 -12.45
CA SER D 232 -15.20 2.38 -12.29
C SER D 232 -15.85 3.45 -13.13
N GLN D 233 -15.35 4.69 -13.04
CA GLN D 233 -15.94 5.80 -13.79
C GLN D 233 -15.86 5.56 -15.29
N ASP D 234 -14.77 4.94 -15.72
CA ASP D 234 -14.57 4.58 -17.13
C ASP D 234 -15.62 3.57 -17.56
N ILE D 235 -15.92 2.64 -16.66
CA ILE D 235 -16.99 1.67 -16.87
C ILE D 235 -18.34 2.38 -16.85
N PHE D 236 -18.58 3.19 -15.82
CA PHE D 236 -19.82 3.94 -15.67
C PHE D 236 -20.14 4.81 -16.89
N ASP D 237 -19.14 5.54 -17.39
CA ASP D 237 -19.31 6.45 -18.52
C ASP D 237 -19.84 5.76 -19.77
N GLN D 238 -19.53 4.48 -19.90
CA GLN D 238 -19.97 3.67 -21.03
C GLN D 238 -21.35 3.06 -20.82
N LEU D 239 -21.67 2.76 -19.56
CA LEU D 239 -22.95 2.14 -19.25
C LEU D 239 -24.08 3.16 -19.17
N ASN D 240 -23.71 4.43 -19.04
CA ASN D 240 -24.71 5.47 -18.87
C ASN D 240 -25.12 6.16 -20.18
N LYS D 241 -25.29 5.35 -21.22
CA LYS D 241 -25.87 5.81 -22.48
C LYS D 241 -27.39 5.79 -22.35
#